data_6BGP
#
_entry.id   6BGP
#
_cell.length_a   60.100
_cell.length_b   106.180
_cell.length_c   225.620
_cell.angle_alpha   90.000
_cell.angle_beta   90.000
_cell.angle_gamma   90.000
#
_symmetry.space_group_name_H-M   'P 21 21 21'
#
loop_
_entity.id
_entity.type
_entity.pdbx_description
1 polymer Calpain-3
2 non-polymer 'CALCIUM ION'
3 non-polymer 'CHLORIDE ION'
4 water water
#
_entity_poly.entity_id   1
_entity_poly.type   'polypeptide(L)'
_entity_poly.pdbx_seq_one_letter_code
;IISRNFPIIGVKEKTFEQLHKKCLEKKVLYVDPEFPPDETSLFYSQKFPIQFVWKRPPEICENPRFIIDGANRTDICQGE
LGDAWFLAAIACLTLNQHLLFRVIPHDQSFIENYAGIFHFQFWRYGEWVDVVIDDCLPTYNNQLVFTKSNHRNEFWSALL
EKAYAKLHGSYEALKGGNTTEAMEDFTGGVAEFFEIRDAPSDMYKIMKKAIERGSLMGCSIDDGTNMTYGTSPSGLNMGE
LIARMVRNMDNSLLQDSDLDPRGSDERPTRTIIPVQYETRMACGLVRGHAYSVTGLDEVPFKGEKVKLVRLRNPWGQVEW
NGSWSDRWKDWSFVDKDEKARLQHQVTEDGEFWMSYEDFIYHFTKLEICNLTADLEHHHHHH
;
_entity_poly.pdbx_strand_id   A,B,C,D
#
loop_
_chem_comp.id
_chem_comp.type
_chem_comp.name
_chem_comp.formula
CA non-polymer 'CALCIUM ION' 'Ca 2'
CL non-polymer 'CHLORIDE ION' 'Cl -1'
#
# COMPACT_ATOMS: atom_id res chain seq x y z
N GLU A 13 -0.07 46.90 -7.40
CA GLU A 13 0.77 45.90 -6.70
C GLU A 13 0.03 44.58 -6.45
N LYS A 14 0.12 43.67 -7.41
CA LYS A 14 -0.37 42.31 -7.22
C LYS A 14 0.77 41.40 -6.70
N THR A 15 0.43 40.48 -5.81
CA THR A 15 1.40 39.58 -5.19
C THR A 15 1.81 38.43 -6.11
N PHE A 16 2.85 37.70 -5.69
CA PHE A 16 3.33 36.53 -6.42
C PHE A 16 2.21 35.53 -6.58
N GLU A 17 1.53 35.23 -5.49
CA GLU A 17 0.42 34.24 -5.49
C GLU A 17 -0.59 34.58 -6.57
N GLN A 18 -1.06 35.82 -6.51
CA GLN A 18 -2.05 36.32 -7.45
C GLN A 18 -1.60 36.16 -8.90
N LEU A 19 -0.46 36.76 -9.22
CA LEU A 19 0.10 36.72 -10.57
C LEU A 19 0.33 35.29 -11.05
N HIS A 20 0.79 34.44 -10.14
CA HIS A 20 1.10 33.05 -10.47
C HIS A 20 -0.18 32.32 -10.81
N LYS A 21 -1.14 32.41 -9.90
CA LYS A 21 -2.45 31.79 -10.07
C LYS A 21 -3.14 32.21 -11.37
N LYS A 22 -3.06 33.50 -11.67
CA LYS A 22 -3.62 34.06 -12.90
C LYS A 22 -3.00 33.42 -14.15
N CYS A 23 -1.66 33.46 -14.23
CA CYS A 23 -0.96 32.93 -15.39
C CYS A 23 -1.22 31.45 -15.64
N LEU A 24 -1.42 30.70 -14.56
CA LEU A 24 -1.76 29.27 -14.66
C LEU A 24 -3.13 29.06 -15.29
N GLU A 25 -4.11 29.83 -14.84
CA GLU A 25 -5.47 29.77 -15.39
C GLU A 25 -5.51 30.18 -16.87
N LYS A 26 -4.84 31.28 -17.21
CA LYS A 26 -4.76 31.72 -18.60
C LYS A 26 -3.94 30.77 -19.48
N LYS A 27 -3.12 29.92 -18.86
CA LYS A 27 -2.16 29.05 -19.56
C LYS A 27 -1.17 29.86 -20.39
N VAL A 28 -0.64 30.92 -19.77
CA VAL A 28 0.31 31.82 -20.40
C VAL A 28 1.54 31.96 -19.49
N LEU A 29 2.71 32.19 -20.09
CA LEU A 29 3.94 32.43 -19.32
C LEU A 29 4.04 33.92 -18.97
N TYR A 30 4.36 34.20 -17.71
CA TYR A 30 4.44 35.58 -17.22
C TYR A 30 5.51 36.41 -17.94
N VAL A 31 5.23 37.69 -18.08
CA VAL A 31 6.16 38.65 -18.65
C VAL A 31 6.11 39.86 -17.75
N ASP A 32 7.26 40.25 -17.21
CA ASP A 32 7.32 41.31 -16.21
C ASP A 32 7.21 42.69 -16.89
N PRO A 33 6.10 43.40 -16.66
CA PRO A 33 6.00 44.76 -17.21
C PRO A 33 7.00 45.73 -16.58
N GLU A 34 7.29 45.54 -15.30
CA GLU A 34 8.23 46.41 -14.56
C GLU A 34 9.70 46.22 -15.00
N PHE A 35 10.05 44.99 -15.38
CA PHE A 35 11.45 44.61 -15.66
C PHE A 35 11.49 43.67 -16.86
N PRO A 36 11.18 44.20 -18.05
CA PRO A 36 10.97 43.38 -19.24
C PRO A 36 12.25 42.83 -19.86
N PRO A 37 12.14 41.74 -20.63
CA PRO A 37 13.28 41.09 -21.26
C PRO A 37 13.80 41.85 -22.48
N ASP A 38 14.34 43.04 -22.24
CA ASP A 38 14.89 43.86 -23.31
C ASP A 38 16.04 44.71 -22.76
N GLU A 39 16.63 45.55 -23.61
CA GLU A 39 17.83 46.31 -23.25
C GLU A 39 17.67 47.32 -22.10
N THR A 40 16.43 47.66 -21.75
CA THR A 40 16.19 48.56 -20.62
C THR A 40 16.59 47.92 -19.31
N SER A 41 16.36 46.63 -19.21
CA SER A 41 16.64 45.87 -18.01
C SER A 41 18.12 45.49 -17.92
N LEU A 42 18.82 45.50 -19.05
CA LEU A 42 20.26 45.21 -19.05
C LEU A 42 21.08 46.42 -18.60
N PHE A 43 20.91 47.54 -19.29
CA PHE A 43 21.68 48.76 -19.04
C PHE A 43 20.82 49.96 -18.83
N TYR A 44 21.44 51.00 -18.29
CA TYR A 44 20.84 52.34 -18.24
C TYR A 44 21.59 53.35 -19.16
N SER A 45 22.81 53.03 -19.59
CA SER A 45 23.57 53.92 -20.49
C SER A 45 24.02 53.19 -21.76
N GLN A 51 25.73 41.53 -27.89
CA GLN A 51 24.30 41.75 -27.64
C GLN A 51 23.55 40.42 -27.45
N PHE A 52 22.65 40.42 -26.47
CA PHE A 52 22.12 39.19 -25.90
C PHE A 52 20.68 38.88 -26.32
N VAL A 53 20.42 37.58 -26.44
CA VAL A 53 19.07 37.07 -26.62
C VAL A 53 18.51 36.63 -25.27
N TRP A 54 17.29 37.07 -24.94
CA TRP A 54 16.63 36.62 -23.72
C TRP A 54 15.91 35.30 -23.94
N LYS A 55 16.17 34.33 -23.08
CA LYS A 55 15.55 33.01 -23.15
C LYS A 55 15.18 32.49 -21.77
N ARG A 56 14.07 31.74 -21.71
CA ARG A 56 13.64 31.07 -20.49
C ARG A 56 14.37 29.73 -20.35
N PRO A 57 14.53 29.22 -19.12
CA PRO A 57 15.32 27.99 -18.96
C PRO A 57 14.82 26.75 -19.72
N PRO A 58 13.49 26.62 -19.92
CA PRO A 58 13.02 25.52 -20.78
C PRO A 58 13.40 25.68 -22.27
N GLU A 59 13.62 26.92 -22.70
CA GLU A 59 14.15 27.18 -24.05
C GLU A 59 15.66 26.91 -24.11
N ILE A 60 16.34 26.93 -22.97
CA ILE A 60 17.79 26.75 -22.90
C ILE A 60 18.20 25.27 -22.80
N CYS A 61 17.44 24.50 -22.04
CA CYS A 61 17.73 23.07 -21.93
C CYS A 61 16.45 22.26 -21.73
N GLU A 62 16.54 20.97 -22.00
CA GLU A 62 15.36 20.07 -21.99
C GLU A 62 14.72 19.94 -20.62
N ASN A 63 15.54 19.82 -19.58
CA ASN A 63 15.07 19.48 -18.23
C ASN A 63 15.59 20.41 -17.17
N PRO A 64 15.13 21.67 -17.21
CA PRO A 64 15.63 22.68 -16.29
C PRO A 64 15.14 22.41 -14.90
N ARG A 65 15.90 22.85 -13.91
CA ARG A 65 15.55 22.72 -12.49
C ARG A 65 15.89 23.97 -11.72
N PHE A 66 15.09 24.30 -10.73
CA PHE A 66 15.35 25.44 -9.89
C PHE A 66 16.56 25.13 -9.00
N ILE A 67 16.43 24.09 -8.17
CA ILE A 67 17.50 23.70 -7.25
C ILE A 67 17.82 22.23 -7.44
N ILE A 68 19.09 21.93 -7.64
CA ILE A 68 19.60 20.57 -7.83
C ILE A 68 20.63 20.29 -6.76
N ASP A 69 20.48 19.18 -6.04
CA ASP A 69 21.40 18.75 -4.98
C ASP A 69 21.57 19.81 -3.90
N GLY A 70 20.54 20.64 -3.71
CA GLY A 70 20.60 21.72 -2.76
C GLY A 70 21.15 23.00 -3.36
N ALA A 71 20.90 24.09 -2.65
CA ALA A 71 21.45 25.39 -3.01
C ALA A 71 22.71 25.58 -2.23
N ASN A 72 23.84 25.50 -2.91
CA ASN A 72 25.09 25.66 -2.24
C ASN A 72 26.06 26.47 -3.08
N ARG A 73 27.17 26.84 -2.47
CA ARG A 73 28.10 27.80 -3.06
C ARG A 73 28.73 27.41 -4.40
N THR A 74 28.75 26.12 -4.73
CA THR A 74 29.24 25.68 -6.02
C THR A 74 28.29 26.10 -7.15
N ASP A 75 27.08 26.52 -6.79
CA ASP A 75 26.06 26.94 -7.75
C ASP A 75 26.18 28.42 -8.14
N ILE A 76 27.19 29.10 -7.60
CA ILE A 76 27.40 30.51 -7.83
C ILE A 76 28.69 30.69 -8.61
N CYS A 77 28.57 30.86 -9.93
CA CYS A 77 29.74 31.08 -10.79
C CYS A 77 29.59 32.34 -11.61
N GLN A 78 30.51 33.28 -11.39
CA GLN A 78 30.41 34.60 -11.99
C GLN A 78 30.56 34.53 -13.50
N GLY A 79 29.76 35.34 -14.20
CA GLY A 79 29.81 35.43 -15.66
C GLY A 79 30.37 36.77 -16.09
N GLU A 80 29.87 37.30 -17.21
CA GLU A 80 30.41 38.52 -17.79
C GLU A 80 29.76 39.75 -17.17
N LEU A 81 29.78 39.82 -15.84
CA LEU A 81 29.25 40.97 -15.12
C LEU A 81 29.98 41.06 -13.79
N GLY A 82 30.41 42.27 -13.43
CA GLY A 82 31.32 42.47 -12.29
C GLY A 82 30.58 42.62 -10.99
N ASP A 83 29.90 41.55 -10.58
CA ASP A 83 29.09 41.58 -9.36
C ASP A 83 29.58 40.58 -8.31
N ALA A 84 30.89 40.33 -8.28
CA ALA A 84 31.50 39.47 -7.28
C ALA A 84 31.09 39.88 -5.86
N TRP A 85 31.04 41.17 -5.61
CA TRP A 85 30.65 41.69 -4.27
C TRP A 85 29.36 41.05 -3.79
N PHE A 86 28.44 40.88 -4.73
CA PHE A 86 27.11 40.31 -4.47
C PHE A 86 27.17 38.77 -4.40
N LEU A 87 27.84 38.16 -5.39
CA LEU A 87 27.97 36.71 -5.46
C LEU A 87 28.71 36.13 -4.28
N ALA A 88 29.71 36.85 -3.79
CA ALA A 88 30.47 36.38 -2.63
C ALA A 88 29.54 36.29 -1.44
N ALA A 89 28.59 37.22 -1.37
CA ALA A 89 27.62 37.25 -0.28
C ALA A 89 26.60 36.11 -0.34
N ILE A 90 26.15 35.79 -1.54
CA ILE A 90 25.26 34.66 -1.76
C ILE A 90 25.94 33.38 -1.31
N ALA A 91 27.18 33.21 -1.73
CA ALA A 91 27.97 32.04 -1.39
C ALA A 91 28.07 31.89 0.11
N CYS A 92 28.29 33.01 0.80
CA CYS A 92 28.37 33.01 2.27
C CYS A 92 27.04 32.62 2.88
N LEU A 93 25.97 33.13 2.31
CA LEU A 93 24.62 32.82 2.75
C LEU A 93 24.33 31.30 2.71
N THR A 94 24.82 30.61 1.68
CA THR A 94 24.58 29.18 1.55
C THR A 94 25.22 28.38 2.68
N LEU A 95 26.19 28.96 3.38
CA LEU A 95 26.72 28.32 4.58
C LEU A 95 25.76 28.33 5.75
N ASN A 96 24.66 29.06 5.60
CA ASN A 96 23.69 29.15 6.66
C ASN A 96 22.35 28.88 6.04
N GLN A 97 22.04 27.59 5.88
CA GLN A 97 20.87 27.16 5.12
C GLN A 97 19.56 27.73 5.61
N HIS A 98 19.37 27.85 6.92
CA HIS A 98 18.07 28.28 7.40
C HIS A 98 17.86 29.78 7.11
N LEU A 99 18.94 30.57 7.11
CA LEU A 99 18.85 31.94 6.62
C LEU A 99 18.62 31.96 5.12
N LEU A 100 19.29 31.05 4.40
CA LEU A 100 19.20 31.02 2.95
C LEU A 100 17.76 30.85 2.47
N PHE A 101 16.97 30.02 3.16
CA PHE A 101 15.66 29.72 2.64
C PHE A 101 14.59 30.77 2.98
N ARG A 102 14.97 31.82 3.71
CA ARG A 102 14.21 33.06 3.76
C ARG A 102 14.32 33.87 2.48
N VAL A 103 15.53 33.93 1.93
CA VAL A 103 15.80 34.72 0.73
C VAL A 103 15.27 34.00 -0.50
N ILE A 104 15.40 32.68 -0.50
CA ILE A 104 14.96 31.83 -1.61
C ILE A 104 13.83 30.91 -1.19
N PRO A 105 12.60 31.16 -1.64
CA PRO A 105 11.50 30.23 -1.41
C PRO A 105 11.67 28.89 -2.13
N HIS A 106 11.65 27.83 -1.33
CA HIS A 106 11.79 26.44 -1.79
C HIS A 106 10.67 25.95 -2.74
N ASP A 107 9.45 26.45 -2.54
CA ASP A 107 8.27 25.91 -3.24
C ASP A 107 8.20 26.44 -4.68
N GLN A 108 9.25 26.22 -5.46
CA GLN A 108 9.34 26.78 -6.81
C GLN A 108 9.96 25.77 -7.76
N SER A 109 9.40 25.69 -8.97
CA SER A 109 9.68 24.56 -9.83
C SER A 109 9.40 24.82 -11.32
N PHE A 110 10.14 24.11 -12.16
CA PHE A 110 9.91 24.08 -13.61
C PHE A 110 9.02 22.91 -14.03
N ILE A 111 8.86 21.94 -13.15
CA ILE A 111 8.15 20.69 -13.45
C ILE A 111 6.77 20.61 -12.79
N GLU A 112 6.38 21.62 -12.03
CA GLU A 112 5.08 21.64 -11.40
C GLU A 112 4.61 23.07 -11.20
N ASN A 113 3.41 23.38 -11.68
CA ASN A 113 2.84 24.72 -11.61
C ASN A 113 3.72 25.79 -12.22
N TYR A 114 4.38 25.44 -13.31
CA TYR A 114 5.29 26.36 -13.98
C TYR A 114 4.49 27.37 -14.83
N ALA A 115 4.64 28.65 -14.51
CA ALA A 115 4.02 29.72 -15.29
C ALA A 115 5.04 30.79 -15.65
N GLY A 116 6.30 30.40 -15.75
CA GLY A 116 7.40 31.32 -16.08
C GLY A 116 7.57 32.49 -15.12
N ILE A 117 7.20 32.30 -13.86
CA ILE A 117 7.30 33.34 -12.85
C ILE A 117 7.96 32.82 -11.56
N PHE A 118 8.81 33.65 -10.96
CA PHE A 118 9.49 33.30 -9.73
C PHE A 118 9.59 34.49 -8.83
N HIS A 119 9.96 34.25 -7.58
CA HIS A 119 10.16 35.33 -6.63
C HIS A 119 11.20 35.03 -5.57
N PHE A 120 11.75 36.09 -5.00
CA PHE A 120 12.72 35.99 -3.91
C PHE A 120 12.44 37.09 -2.90
N GLN A 121 13.01 36.96 -1.71
CA GLN A 121 12.83 37.94 -0.64
C GLN A 121 14.13 38.60 -0.23
N PHE A 122 14.09 39.91 -0.03
CA PHE A 122 15.25 40.66 0.43
C PHE A 122 14.86 41.56 1.58
N TRP A 123 15.83 41.77 2.47
CA TRP A 123 15.66 42.67 3.60
C TRP A 123 15.95 44.09 3.16
N ARG A 124 14.92 44.90 3.12
CA ARG A 124 15.02 46.27 2.65
C ARG A 124 14.20 47.13 3.59
N TYR A 125 14.72 48.28 3.95
CA TYR A 125 13.98 49.23 4.75
C TYR A 125 13.47 48.55 6.03
N GLY A 126 14.27 47.70 6.67
CA GLY A 126 13.84 47.11 7.95
C GLY A 126 12.70 46.11 7.85
N GLU A 127 12.47 45.57 6.67
CA GLU A 127 11.46 44.53 6.49
C GLU A 127 11.75 43.65 5.27
N TRP A 128 11.18 42.45 5.27
CA TRP A 128 11.26 41.55 4.13
C TRP A 128 10.36 42.04 3.01
N VAL A 129 10.91 42.12 1.80
CA VAL A 129 10.12 42.53 0.64
C VAL A 129 10.25 41.51 -0.48
N ASP A 130 9.16 41.29 -1.17
CA ASP A 130 9.08 40.26 -2.19
C ASP A 130 9.39 40.88 -3.54
N VAL A 131 10.39 40.35 -4.23
CA VAL A 131 10.69 40.72 -5.60
C VAL A 131 10.22 39.62 -6.51
N VAL A 132 9.34 39.96 -7.45
CA VAL A 132 8.81 39.02 -8.43
C VAL A 132 9.48 39.24 -9.78
N ILE A 133 9.79 38.17 -10.50
CA ILE A 133 10.40 38.26 -11.83
C ILE A 133 9.85 37.23 -12.80
N ASP A 134 9.95 37.52 -14.09
CA ASP A 134 9.74 36.50 -15.10
C ASP A 134 11.07 35.76 -15.22
N ASP A 135 11.04 34.54 -15.74
CA ASP A 135 12.25 33.73 -15.80
C ASP A 135 13.07 33.88 -17.08
N CYS A 136 12.86 34.95 -17.85
CA CYS A 136 13.70 35.21 -19.02
C CYS A 136 15.08 35.65 -18.56
N LEU A 137 16.10 35.06 -19.18
CA LEU A 137 17.48 35.36 -18.80
C LEU A 137 18.31 35.66 -20.02
N PRO A 138 19.27 36.59 -19.90
CA PRO A 138 20.15 36.89 -21.00
C PRO A 138 21.00 35.70 -21.37
N THR A 139 21.08 35.42 -22.67
CA THR A 139 21.92 34.35 -23.18
C THR A 139 22.70 34.77 -24.40
N TYR A 140 23.70 33.97 -24.73
CA TYR A 140 24.41 34.07 -25.99
C TYR A 140 24.84 32.67 -26.42
N ASN A 141 24.52 32.31 -27.66
CA ASN A 141 24.59 30.94 -28.14
C ASN A 141 23.90 29.96 -27.20
N ASN A 142 22.73 30.35 -26.71
CA ASN A 142 21.93 29.48 -25.85
C ASN A 142 22.61 29.11 -24.53
N GLN A 143 23.42 30.02 -24.01
CA GLN A 143 24.07 29.84 -22.73
C GLN A 143 24.01 31.13 -21.91
N LEU A 144 23.92 30.99 -20.59
CA LEU A 144 23.84 32.15 -19.73
C LEU A 144 25.16 32.92 -19.79
N VAL A 145 25.06 34.24 -19.85
CA VAL A 145 26.27 35.07 -19.96
C VAL A 145 26.64 35.65 -18.60
N PHE A 146 25.59 35.86 -17.81
CA PHE A 146 25.68 36.31 -16.42
C PHE A 146 25.85 35.08 -15.54
N THR A 147 25.72 35.27 -14.23
CA THR A 147 26.00 34.20 -13.28
C THR A 147 25.13 32.97 -13.50
N LYS A 148 25.76 31.82 -13.39
CA LYS A 148 25.18 30.51 -13.61
C LYS A 148 25.68 29.55 -12.54
N SER A 149 25.20 28.30 -12.60
CA SER A 149 25.69 27.25 -11.74
C SER A 149 26.64 26.29 -12.46
N ASN A 150 27.51 25.69 -11.69
CA ASN A 150 28.26 24.52 -12.08
C ASN A 150 27.49 23.49 -12.89
N HIS A 151 26.21 23.34 -12.53
CA HIS A 151 25.33 22.38 -13.16
C HIS A 151 24.54 23.13 -14.23
N ARG A 152 24.69 22.72 -15.48
CA ARG A 152 24.10 23.43 -16.62
C ARG A 152 22.56 23.55 -16.55
N ASN A 153 21.90 22.66 -15.80
CA ASN A 153 20.43 22.67 -15.63
C ASN A 153 19.86 23.39 -14.39
N GLU A 154 20.73 23.89 -13.50
CA GLU A 154 20.29 24.52 -12.27
C GLU A 154 20.16 26.02 -12.51
N PHE A 155 19.04 26.62 -12.10
CA PHE A 155 18.78 28.03 -12.39
C PHE A 155 18.50 28.97 -11.22
N TRP A 156 18.46 28.49 -9.98
CA TRP A 156 18.16 29.39 -8.85
C TRP A 156 19.09 30.60 -8.78
N SER A 157 20.39 30.40 -8.97
CA SER A 157 21.34 31.48 -8.76
C SER A 157 21.23 32.52 -9.86
N ALA A 158 21.05 32.08 -11.09
CA ALA A 158 20.85 33.01 -12.20
C ALA A 158 19.60 33.86 -12.00
N LEU A 159 18.52 33.22 -11.52
CA LEU A 159 17.26 33.90 -11.23
C LEU A 159 17.36 34.86 -10.03
N LEU A 160 18.09 34.45 -8.99
CA LEU A 160 18.30 35.34 -7.85
C LEU A 160 19.02 36.60 -8.26
N GLU A 161 20.06 36.43 -9.06
CA GLU A 161 20.78 37.56 -9.61
C GLU A 161 19.86 38.47 -10.41
N LYS A 162 19.00 37.88 -11.23
CA LYS A 162 18.07 38.69 -11.98
C LYS A 162 17.19 39.49 -11.04
N ALA A 163 16.69 38.84 -9.99
CA ALA A 163 15.83 39.53 -9.03
C ALA A 163 16.56 40.66 -8.34
N TYR A 164 17.84 40.47 -8.04
CA TYR A 164 18.63 41.51 -7.39
C TYR A 164 18.89 42.65 -8.36
N ALA A 165 19.15 42.31 -9.62
CA ALA A 165 19.26 43.32 -10.66
C ALA A 165 17.99 44.18 -10.72
N LYS A 166 16.82 43.53 -10.77
CA LYS A 166 15.54 44.25 -10.77
C LYS A 166 15.42 45.21 -9.60
N LEU A 167 15.86 44.78 -8.43
CA LEU A 167 15.81 45.61 -7.24
C LEU A 167 16.68 46.87 -7.38
N HIS A 168 17.75 46.78 -8.16
CA HIS A 168 18.64 47.91 -8.44
C HIS A 168 18.35 48.61 -9.75
N GLY A 169 17.32 48.15 -10.48
CA GLY A 169 16.89 48.80 -11.72
C GLY A 169 17.47 48.22 -13.00
N SER A 170 18.65 47.61 -12.93
CA SER A 170 19.25 46.99 -14.12
C SER A 170 20.39 46.04 -13.77
N TYR A 171 20.76 45.19 -14.72
CA TYR A 171 21.94 44.35 -14.52
C TYR A 171 23.20 45.20 -14.38
N GLU A 172 23.33 46.24 -15.20
CA GLU A 172 24.47 47.14 -15.13
C GLU A 172 24.61 47.77 -13.74
N ALA A 173 23.48 48.00 -13.07
CA ALA A 173 23.50 48.59 -11.72
C ALA A 173 24.22 47.73 -10.68
N LEU A 174 24.43 46.46 -10.99
CA LEU A 174 25.15 45.53 -10.11
C LEU A 174 26.66 45.56 -10.30
N LYS A 175 27.13 46.26 -11.34
CA LYS A 175 28.57 46.47 -11.54
C LYS A 175 29.09 47.30 -10.39
N GLY A 176 30.06 46.79 -9.65
CA GLY A 176 30.59 47.51 -8.50
C GLY A 176 29.55 47.70 -7.39
N GLY A 177 29.98 47.53 -6.15
CA GLY A 177 29.12 47.59 -4.98
C GLY A 177 29.89 47.02 -3.80
N ASN A 178 29.30 47.04 -2.61
CA ASN A 178 29.97 46.48 -1.42
C ASN A 178 29.35 45.20 -0.92
N THR A 179 30.19 44.22 -0.60
CA THR A 179 29.73 42.92 -0.12
C THR A 179 28.78 43.06 1.06
N THR A 180 29.07 44.00 1.94
CA THR A 180 28.24 44.19 3.14
C THR A 180 26.84 44.65 2.81
N GLU A 181 26.69 45.41 1.74
CA GLU A 181 25.36 45.83 1.30
C GLU A 181 24.50 44.61 1.05
N ALA A 182 25.05 43.63 0.32
CA ALA A 182 24.33 42.41 -0.04
C ALA A 182 24.11 41.50 1.15
N MET A 183 25.12 41.39 2.00
CA MET A 183 24.98 40.61 3.23
C MET A 183 23.79 41.11 4.06
N GLU A 184 23.66 42.42 4.17
CA GLU A 184 22.55 43.02 4.92
C GLU A 184 21.23 42.79 4.22
N ASP A 185 21.22 42.86 2.90
CA ASP A 185 20.02 42.60 2.13
C ASP A 185 19.53 41.13 2.22
N PHE A 186 20.44 40.22 2.57
CA PHE A 186 20.08 38.83 2.76
C PHE A 186 19.76 38.44 4.18
N THR A 187 20.16 39.25 5.14
CA THR A 187 20.03 38.85 6.55
C THR A 187 19.40 39.85 7.50
N GLY A 188 19.42 41.13 7.15
CA GLY A 188 19.08 42.20 8.08
C GLY A 188 20.04 42.29 9.27
N GLY A 189 21.28 41.90 9.05
CA GLY A 189 22.29 41.95 10.10
C GLY A 189 23.06 43.26 10.07
N VAL A 190 24.04 43.37 10.96
CA VAL A 190 24.83 44.58 11.09
C VAL A 190 26.28 44.33 10.67
N ALA A 191 26.74 45.14 9.73
CA ALA A 191 28.10 45.06 9.21
C ALA A 191 29.15 45.55 10.21
N GLU A 192 30.29 44.89 10.23
CA GLU A 192 31.43 45.21 11.08
C GLU A 192 32.71 45.06 10.24
N PHE A 193 33.55 46.09 10.20
CA PHE A 193 34.72 46.10 9.31
C PHE A 193 36.01 45.92 10.09
N PHE A 194 36.98 45.30 9.45
CA PHE A 194 38.29 45.12 10.02
C PHE A 194 39.32 45.41 8.97
N GLU A 195 40.27 46.24 9.34
CA GLU A 195 41.50 46.40 8.60
C GLU A 195 42.45 45.36 9.16
N ILE A 196 42.90 44.44 8.29
CA ILE A 196 43.66 43.27 8.73
C ILE A 196 45.03 43.65 9.31
N ARG A 197 45.51 44.85 8.98
CA ARG A 197 46.74 45.40 9.59
C ARG A 197 46.56 45.75 11.08
N ASP A 198 45.39 46.29 11.42
CA ASP A 198 45.02 46.57 12.80
C ASP A 198 44.43 45.34 13.53
N ALA A 199 44.45 44.18 12.88
CA ALA A 199 43.78 43.00 13.40
C ALA A 199 44.22 42.70 14.83
N PRO A 200 43.26 42.44 15.73
CA PRO A 200 43.68 42.00 17.07
C PRO A 200 44.46 40.69 17.02
N SER A 201 45.12 40.37 18.13
CA SER A 201 45.82 39.10 18.25
C SER A 201 44.88 37.91 18.12
N ASP A 202 43.65 38.05 18.63
CA ASP A 202 42.68 36.94 18.67
C ASP A 202 41.70 36.93 17.49
N MET A 203 42.08 37.47 16.33
CA MET A 203 41.11 37.62 15.24
C MET A 203 40.69 36.29 14.59
N TYR A 204 41.62 35.34 14.50
CA TYR A 204 41.25 33.97 14.18
C TYR A 204 40.05 33.52 15.02
N LYS A 205 40.11 33.74 16.34
CA LYS A 205 39.04 33.37 17.25
C LYS A 205 37.76 34.17 16.96
N ILE A 206 37.89 35.46 16.71
CA ILE A 206 36.74 36.30 16.37
C ILE A 206 36.01 35.76 15.15
N MET A 207 36.80 35.39 14.14
CA MET A 207 36.29 34.85 12.88
C MET A 207 35.71 33.47 13.07
N LYS A 208 36.40 32.65 13.87
CA LYS A 208 35.90 31.30 14.22
C LYS A 208 34.53 31.37 14.90
N LYS A 209 34.36 32.23 15.89
CA LYS A 209 33.08 32.36 16.56
C LYS A 209 32.02 32.91 15.63
N ALA A 210 32.42 33.78 14.71
CA ALA A 210 31.50 34.38 13.74
C ALA A 210 30.94 33.36 12.76
N ILE A 211 31.81 32.51 12.23
CA ILE A 211 31.38 31.49 11.29
C ILE A 211 30.47 30.42 11.95
N GLU A 212 30.81 30.01 13.17
CA GLU A 212 29.99 29.08 13.97
C GLU A 212 28.63 29.66 14.42
N ARG A 213 28.54 30.99 14.50
CA ARG A 213 27.30 31.68 14.88
C ARG A 213 26.41 31.90 13.66
N GLY A 214 26.95 31.63 12.47
CA GLY A 214 26.21 31.74 11.23
C GLY A 214 26.39 33.08 10.55
N SER A 215 27.28 33.91 11.06
CA SER A 215 27.57 35.20 10.46
C SER A 215 28.31 35.04 9.14
N LEU A 216 28.02 35.95 8.21
CA LEU A 216 28.59 35.96 6.87
C LEU A 216 29.89 36.76 6.82
N MET A 217 30.90 36.24 6.15
CA MET A 217 32.23 36.87 6.13
C MET A 217 32.81 36.97 4.72
N GLY A 218 33.21 38.17 4.35
CA GLY A 218 33.92 38.40 3.11
C GLY A 218 35.29 38.97 3.39
N CYS A 219 36.16 38.95 2.39
CA CYS A 219 37.42 39.64 2.48
C CYS A 219 37.97 40.02 1.11
N SER A 220 38.89 40.99 1.09
CA SER A 220 39.49 41.42 -0.16
C SER A 220 40.90 41.97 0.04
N ILE A 221 41.59 42.14 -1.08
CA ILE A 221 42.88 42.79 -1.14
C ILE A 221 42.63 44.15 -1.79
N ASP A 222 42.97 45.21 -1.07
CA ASP A 222 42.69 46.58 -1.46
C ASP A 222 43.46 46.94 -2.73
N ASP A 223 42.79 47.55 -3.69
CA ASP A 223 43.36 47.91 -4.97
C ASP A 223 43.78 49.38 -5.07
N GLY A 224 42.92 50.28 -4.61
CA GLY A 224 43.16 51.73 -4.62
C GLY A 224 41.94 52.62 -4.88
N TYR A 277 39.14 36.83 -17.88
CA TYR A 277 39.31 36.64 -16.45
C TYR A 277 40.48 35.70 -16.14
N GLU A 278 41.66 36.28 -15.96
CA GLU A 278 42.86 35.50 -15.71
C GLU A 278 43.47 35.81 -14.37
N THR A 279 44.18 34.82 -13.81
CA THR A 279 44.88 34.91 -12.54
C THR A 279 45.63 36.22 -12.42
N ARG A 280 45.41 36.94 -11.35
CA ARG A 280 46.03 38.21 -11.25
C ARG A 280 47.38 38.12 -10.61
N MET A 281 47.44 37.57 -9.41
CA MET A 281 48.69 37.51 -8.72
C MET A 281 49.42 36.23 -8.95
N ALA A 282 50.69 36.25 -8.60
CA ALA A 282 51.53 35.11 -8.79
C ALA A 282 51.16 34.02 -7.83
N CYS A 283 50.70 34.39 -6.66
CA CYS A 283 50.25 33.44 -5.64
C CYS A 283 48.84 32.86 -5.88
N GLY A 284 48.13 33.37 -6.88
CA GLY A 284 46.83 32.83 -7.29
C GLY A 284 45.64 33.62 -6.75
N LEU A 285 45.91 34.71 -6.07
CA LEU A 285 44.86 35.57 -5.54
C LEU A 285 44.56 36.69 -6.50
N VAL A 286 43.46 37.38 -6.30
CA VAL A 286 43.09 38.46 -7.17
C VAL A 286 42.91 39.69 -6.35
N ARG A 287 43.37 40.81 -6.86
CA ARG A 287 43.28 42.08 -6.18
C ARG A 287 42.01 42.81 -6.49
N GLY A 288 41.46 43.46 -5.49
CA GLY A 288 40.23 44.24 -5.63
C GLY A 288 39.03 43.36 -5.93
N HIS A 289 39.01 42.17 -5.33
CA HIS A 289 38.05 41.13 -5.67
C HIS A 289 37.49 40.55 -4.38
N ALA A 290 36.17 40.45 -4.32
CA ALA A 290 35.46 39.89 -3.15
C ALA A 290 35.63 38.38 -3.08
N TYR A 291 36.05 37.89 -1.92
CA TYR A 291 36.17 36.45 -1.65
C TYR A 291 35.23 36.14 -0.52
N SER A 292 34.72 34.93 -0.49
CA SER A 292 33.88 34.48 0.61
C SER A 292 34.72 33.69 1.58
N VAL A 293 34.57 33.97 2.87
CA VAL A 293 35.21 33.14 3.88
C VAL A 293 34.26 32.01 4.19
N THR A 294 34.68 30.78 3.93
CA THR A 294 33.80 29.62 4.05
C THR A 294 34.23 28.61 5.08
N GLY A 295 35.33 28.87 5.75
CA GLY A 295 35.74 27.94 6.77
C GLY A 295 36.93 28.44 7.54
N LEU A 296 37.01 27.98 8.78
CA LEU A 296 38.16 28.23 9.64
C LEU A 296 38.41 27.02 10.48
N ASP A 297 39.65 26.58 10.51
CA ASP A 297 39.95 25.37 11.24
C ASP A 297 41.40 25.25 11.63
N GLU A 298 41.66 24.25 12.45
CA GLU A 298 42.94 23.97 13.00
C GLU A 298 43.31 22.52 12.72
N VAL A 299 44.51 22.32 12.18
CA VAL A 299 44.95 21.00 11.83
C VAL A 299 46.29 20.73 12.43
N PRO A 300 46.49 19.55 13.00
CA PRO A 300 47.82 19.45 13.52
C PRO A 300 48.67 18.83 12.44
N PHE A 301 49.79 19.48 12.14
CA PHE A 301 50.71 19.07 11.10
C PHE A 301 52.14 19.03 11.65
N LYS A 302 52.77 17.85 11.60
CA LYS A 302 54.14 17.66 12.09
C LYS A 302 54.30 18.09 13.55
N GLY A 303 53.40 17.63 14.40
CA GLY A 303 53.50 17.87 15.84
C GLY A 303 52.63 19.01 16.35
N GLU A 304 52.76 20.19 15.76
CA GLU A 304 51.99 21.35 16.21
C GLU A 304 50.68 21.53 15.43
N LYS A 305 49.76 22.31 16.00
CA LYS A 305 48.49 22.65 15.34
C LYS A 305 48.61 23.91 14.48
N VAL A 306 48.14 23.83 13.23
CA VAL A 306 48.21 24.94 12.27
C VAL A 306 46.83 25.54 11.99
N LYS A 307 46.70 26.84 12.22
CA LYS A 307 45.46 27.57 11.92
C LYS A 307 45.25 27.80 10.41
N LEU A 308 44.08 27.41 9.90
CA LEU A 308 43.77 27.54 8.48
C LEU A 308 42.53 28.39 8.23
N VAL A 309 42.52 29.02 7.05
CA VAL A 309 41.35 29.76 6.57
C VAL A 309 40.95 29.24 5.20
N ARG A 310 39.65 28.96 5.02
CA ARG A 310 39.13 28.53 3.74
C ARG A 310 38.37 29.67 3.08
N LEU A 311 38.68 29.89 1.81
CA LEU A 311 38.10 30.97 1.05
C LEU A 311 37.54 30.45 -0.25
N ARG A 312 36.61 31.20 -0.83
CA ARG A 312 36.09 30.86 -2.14
C ARG A 312 36.02 32.08 -3.05
N ASN A 313 36.68 31.95 -4.19
CA ASN A 313 36.60 32.94 -5.25
C ASN A 313 35.30 32.75 -5.99
N PRO A 314 34.44 33.78 -6.04
CA PRO A 314 33.14 33.62 -6.73
C PRO A 314 33.21 33.39 -8.25
N TRP A 315 34.40 33.25 -8.81
CA TRP A 315 34.52 32.95 -10.20
C TRP A 315 34.35 31.46 -10.33
N GLY A 316 34.55 30.72 -9.24
CA GLY A 316 34.47 29.28 -9.27
C GLY A 316 35.74 28.68 -9.86
N GLN A 317 36.74 29.53 -10.05
CA GLN A 317 37.98 29.20 -10.73
C GLN A 317 39.05 30.08 -10.09
N VAL A 318 40.30 29.74 -10.29
CA VAL A 318 41.44 30.56 -9.88
C VAL A 318 41.66 30.56 -8.36
N GLU A 319 42.42 29.56 -7.94
CA GLU A 319 42.67 29.32 -6.55
C GLU A 319 44.07 29.80 -6.17
N TRP A 320 44.28 29.95 -4.87
CA TRP A 320 45.58 30.15 -4.28
C TRP A 320 46.45 28.94 -4.52
N ASN A 321 47.75 29.19 -4.72
CA ASN A 321 48.74 28.12 -5.03
C ASN A 321 49.83 27.94 -3.97
N GLY A 322 49.75 28.68 -2.88
CA GLY A 322 50.70 28.53 -1.78
C GLY A 322 50.47 27.29 -0.94
N SER A 323 50.98 27.31 0.28
CA SER A 323 50.84 26.16 1.17
C SER A 323 49.38 25.96 1.57
N TRP A 324 48.94 24.70 1.54
CA TRP A 324 47.56 24.29 1.84
C TRP A 324 46.64 24.40 0.64
N SER A 325 47.17 24.93 -0.46
CA SER A 325 46.47 24.90 -1.71
C SER A 325 46.19 23.45 -2.07
N ASP A 326 45.36 23.26 -3.08
CA ASP A 326 44.87 21.93 -3.42
C ASP A 326 46.02 20.98 -3.72
N ARG A 327 46.93 21.42 -4.60
CA ARG A 327 47.99 20.57 -5.14
C ARG A 327 49.27 20.59 -4.31
N TRP A 328 49.22 21.21 -3.14
CA TRP A 328 50.34 21.23 -2.20
C TRP A 328 50.71 19.80 -1.77
N LYS A 329 51.98 19.43 -1.91
CA LYS A 329 52.43 18.05 -1.67
C LYS A 329 52.35 17.65 -0.20
N ASP A 330 52.64 18.60 0.69
CA ASP A 330 52.66 18.33 2.14
C ASP A 330 51.27 18.07 2.74
N TRP A 331 50.24 18.09 1.91
CA TRP A 331 48.95 17.47 2.27
C TRP A 331 49.13 15.97 2.59
N SER A 332 50.12 15.32 1.96
CA SER A 332 50.46 13.91 2.23
C SER A 332 50.77 13.65 3.70
N PHE A 333 51.39 14.62 4.36
CA PHE A 333 51.70 14.51 5.78
C PHE A 333 50.46 14.68 6.69
N VAL A 334 49.31 15.01 6.11
CA VAL A 334 48.08 15.17 6.88
C VAL A 334 47.31 13.86 6.93
N ASP A 335 46.73 13.60 8.11
CA ASP A 335 45.95 12.39 8.38
C ASP A 335 44.74 12.28 7.42
N LYS A 336 44.36 11.04 7.07
CA LYS A 336 43.26 10.81 6.10
C LYS A 336 41.87 11.17 6.64
N ASP A 337 41.62 10.98 7.92
CA ASP A 337 40.36 11.41 8.54
C ASP A 337 40.25 12.94 8.60
N GLU A 338 41.36 13.59 8.94
CA GLU A 338 41.44 15.05 9.05
C GLU A 338 41.18 15.74 7.71
N LYS A 339 41.73 15.16 6.64
CA LYS A 339 41.44 15.62 5.29
C LYS A 339 39.95 15.62 5.03
N ALA A 340 39.28 14.57 5.49
CA ALA A 340 37.85 14.43 5.26
C ALA A 340 37.08 15.47 6.05
N ARG A 341 37.51 15.73 7.28
CA ARG A 341 36.86 16.73 8.14
C ARG A 341 36.99 18.13 7.52
N LEU A 342 38.11 18.37 6.87
CA LEU A 342 38.36 19.63 6.17
C LEU A 342 37.75 19.67 4.77
N GLN A 343 37.14 18.57 4.33
CA GLN A 343 36.55 18.46 3.01
C GLN A 343 37.54 18.81 1.92
N HIS A 344 38.80 18.41 2.11
CA HIS A 344 39.87 18.70 1.15
C HIS A 344 39.68 17.93 -0.15
N GLN A 345 39.53 18.65 -1.26
CA GLN A 345 39.47 18.05 -2.58
C GLN A 345 40.43 18.77 -3.49
N VAL A 346 40.99 18.05 -4.44
CA VAL A 346 41.75 18.68 -5.51
C VAL A 346 40.77 18.97 -6.65
N THR A 347 40.16 20.15 -6.63
CA THR A 347 39.19 20.55 -7.66
C THR A 347 39.32 22.05 -7.93
N GLU A 348 39.34 22.40 -9.21
CA GLU A 348 39.36 23.80 -9.60
C GLU A 348 37.93 24.34 -9.51
N ASP A 349 37.53 24.68 -8.28
CA ASP A 349 36.18 25.16 -7.98
C ASP A 349 36.16 26.57 -7.38
N GLY A 350 37.33 27.20 -7.26
CA GLY A 350 37.42 28.53 -6.66
C GLY A 350 37.65 28.47 -5.16
N GLU A 351 37.63 27.29 -4.58
CA GLU A 351 37.74 27.16 -3.14
C GLU A 351 39.04 26.49 -2.72
N PHE A 352 39.62 27.02 -1.64
CA PHE A 352 40.93 26.60 -1.20
C PHE A 352 41.17 26.95 0.25
N TRP A 353 42.02 26.14 0.88
CA TRP A 353 42.54 26.45 2.20
C TRP A 353 43.83 27.22 2.03
N MET A 354 44.05 28.15 2.95
CA MET A 354 45.35 28.78 3.10
C MET A 354 45.61 28.91 4.61
N SER A 355 46.86 29.16 4.97
CA SER A 355 47.22 29.31 6.37
C SER A 355 46.72 30.66 6.86
N TYR A 356 46.26 30.69 8.10
CA TYR A 356 45.87 31.95 8.73
C TYR A 356 46.96 33.01 8.57
N GLU A 357 48.21 32.59 8.75
CA GLU A 357 49.37 33.50 8.61
C GLU A 357 49.43 34.15 7.25
N ASP A 358 49.41 33.34 6.20
CA ASP A 358 49.43 33.86 4.82
C ASP A 358 48.18 34.71 4.55
N PHE A 359 47.05 34.32 5.15
CA PHE A 359 45.81 35.08 5.00
C PHE A 359 45.94 36.53 5.52
N ILE A 360 46.39 36.67 6.77
CA ILE A 360 46.59 37.98 7.36
C ILE A 360 47.66 38.79 6.62
N TYR A 361 48.61 38.08 6.03
CA TYR A 361 49.67 38.72 5.26
C TYR A 361 49.21 39.30 3.91
N HIS A 362 48.26 38.66 3.24
CA HIS A 362 47.83 39.09 1.93
C HIS A 362 46.55 39.94 1.93
N PHE A 363 45.58 39.55 2.74
CA PHE A 363 44.29 40.24 2.71
C PHE A 363 44.34 41.47 3.59
N THR A 364 43.57 42.48 3.21
CA THR A 364 43.61 43.80 3.86
C THR A 364 42.31 44.19 4.53
N LYS A 365 41.20 43.90 3.86
CA LYS A 365 39.86 44.15 4.39
C LYS A 365 39.15 42.83 4.76
N LEU A 366 38.53 42.81 5.94
CA LEU A 366 37.65 41.73 6.35
C LEU A 366 36.31 42.31 6.77
N GLU A 367 35.23 41.79 6.20
CA GLU A 367 33.88 42.32 6.42
C GLU A 367 33.01 41.24 7.04
N ILE A 368 32.54 41.46 8.25
CA ILE A 368 31.64 40.51 8.92
C ILE A 368 30.25 41.10 9.05
N CYS A 369 29.23 40.36 8.63
CA CYS A 369 27.84 40.76 8.84
C CYS A 369 27.23 39.94 9.97
N ASN A 370 27.08 40.58 11.12
CA ASN A 370 26.58 39.92 12.33
C ASN A 370 25.06 39.95 12.44
N LEU A 371 24.50 38.84 12.92
CA LEU A 371 23.06 38.69 13.06
C LEU A 371 22.60 39.02 14.49
N THR A 372 21.34 39.47 14.61
CA THR A 372 20.61 39.75 15.87
C THR A 372 21.31 39.49 17.20
N GLU B 13 -2.98 16.87 21.83
CA GLU B 13 -2.21 17.35 20.63
C GLU B 13 -1.89 18.86 20.71
N LYS B 14 -0.72 19.17 21.26
CA LYS B 14 -0.11 20.50 21.06
C LYS B 14 0.79 20.48 19.83
N THR B 15 0.76 21.57 19.08
CA THR B 15 1.51 21.66 17.82
C THR B 15 2.99 21.94 18.06
N PHE B 16 3.76 21.82 16.99
CA PHE B 16 5.18 22.13 17.02
C PHE B 16 5.41 23.56 17.51
N GLU B 17 4.68 24.51 16.90
CA GLU B 17 4.84 25.94 17.22
C GLU B 17 4.68 26.13 18.73
N GLN B 18 3.58 25.62 19.26
CA GLN B 18 3.26 25.73 20.69
C GLN B 18 4.37 25.19 21.56
N LEU B 19 4.69 23.91 21.37
CA LEU B 19 5.73 23.24 22.15
C LEU B 19 7.08 23.94 22.04
N HIS B 20 7.39 24.41 20.84
CA HIS B 20 8.67 25.08 20.58
C HIS B 20 8.74 26.38 21.35
N LYS B 21 7.71 27.21 21.15
CA LYS B 21 7.58 28.50 21.82
C LYS B 21 7.68 28.38 23.34
N LYS B 22 7.00 27.37 23.89
CA LYS B 22 7.01 27.10 25.33
C LYS B 22 8.43 26.80 25.82
N CYS B 23 9.08 25.85 25.19
CA CYS B 23 10.42 25.44 25.60
C CYS B 23 11.44 26.58 25.55
N LEU B 24 11.26 27.49 24.60
CA LEU B 24 12.12 28.67 24.49
C LEU B 24 11.97 29.62 25.66
N GLU B 25 10.71 29.88 26.02
CA GLU B 25 10.40 30.73 27.17
C GLU B 25 10.92 30.14 28.47
N LYS B 26 10.69 28.85 28.68
CA LYS B 26 11.21 28.18 29.88
C LYS B 26 12.74 28.06 29.89
N LYS B 27 13.37 28.20 28.73
CA LYS B 27 14.80 27.94 28.53
C LYS B 27 15.17 26.50 28.90
N VAL B 28 14.35 25.58 28.41
CA VAL B 28 14.53 24.14 28.65
C VAL B 28 14.54 23.42 27.31
N LEU B 29 15.25 22.29 27.25
CA LEU B 29 15.29 21.47 26.04
C LEU B 29 14.11 20.54 26.10
N TYR B 30 13.50 20.23 24.98
CA TYR B 30 12.31 19.41 24.93
C TYR B 30 12.56 17.93 25.08
N VAL B 31 11.65 17.23 25.76
CA VAL B 31 11.73 15.79 25.92
C VAL B 31 10.39 15.25 25.45
N ASP B 32 10.43 14.31 24.53
CA ASP B 32 9.20 13.76 23.96
C ASP B 32 8.57 12.73 24.91
N PRO B 33 7.41 13.06 25.51
CA PRO B 33 6.73 12.05 26.34
C PRO B 33 6.22 10.85 25.53
N GLU B 34 5.80 11.09 24.29
CA GLU B 34 5.28 10.03 23.42
C GLU B 34 6.38 9.05 22.95
N PHE B 35 7.59 9.57 22.73
CA PHE B 35 8.69 8.79 22.13
C PHE B 35 10.00 9.13 22.83
N PRO B 36 10.13 8.70 24.10
CA PRO B 36 11.22 9.13 24.96
C PRO B 36 12.56 8.48 24.64
N PRO B 37 13.66 9.13 25.07
CA PRO B 37 15.00 8.64 24.79
C PRO B 37 15.41 7.48 25.68
N ASP B 38 14.75 6.35 25.50
CA ASP B 38 15.04 5.15 26.27
C ASP B 38 14.76 3.92 25.41
N GLU B 39 14.95 2.74 25.99
CA GLU B 39 14.85 1.49 25.25
C GLU B 39 13.48 1.15 24.68
N THR B 40 12.42 1.82 25.13
CA THR B 40 11.07 1.58 24.57
C THR B 40 10.99 2.11 23.13
N SER B 41 11.71 3.18 22.86
CA SER B 41 11.70 3.80 21.55
C SER B 41 12.65 3.09 20.58
N LEU B 42 13.61 2.33 21.11
CA LEU B 42 14.53 1.57 20.28
C LEU B 42 13.93 0.28 19.76
N PHE B 43 13.51 -0.58 20.69
CA PHE B 43 13.06 -1.94 20.34
C PHE B 43 11.79 -2.32 21.08
N TYR B 44 11.06 -3.25 20.50
CA TYR B 44 9.84 -3.80 21.12
C TYR B 44 10.01 -5.28 21.50
N SER B 45 10.81 -6.02 20.74
CA SER B 45 11.11 -7.43 21.05
C SER B 45 12.62 -7.71 21.08
N GLN B 46 13.26 -7.71 19.90
CA GLN B 46 14.70 -7.96 19.76
C GLN B 46 15.53 -6.72 20.13
N LYS B 47 16.37 -6.83 21.15
CA LYS B 47 17.24 -5.75 21.60
C LYS B 47 18.44 -5.69 20.72
N PHE B 48 19.17 -4.58 20.77
CA PHE B 48 20.35 -4.46 19.95
C PHE B 48 21.53 -5.01 20.70
N PRO B 49 22.63 -5.25 19.98
CA PRO B 49 23.88 -5.84 20.48
C PRO B 49 24.74 -4.96 21.35
N ILE B 50 24.38 -3.70 21.50
CA ILE B 50 25.19 -2.81 22.27
C ILE B 50 24.24 -1.83 22.90
N GLN B 51 24.41 -1.56 24.19
CA GLN B 51 23.55 -0.61 24.87
C GLN B 51 23.91 0.77 24.40
N PHE B 52 22.94 1.50 23.85
CA PHE B 52 23.20 2.84 23.31
C PHE B 52 22.90 3.94 24.31
N VAL B 53 23.71 4.98 24.24
CA VAL B 53 23.48 6.20 25.00
C VAL B 53 22.75 7.19 24.09
N TRP B 54 21.67 7.79 24.58
CA TRP B 54 21.01 8.87 23.86
C TRP B 54 21.68 10.22 24.10
N LYS B 55 22.04 10.89 23.04
CA LYS B 55 22.67 12.17 23.18
C LYS B 55 22.07 13.13 22.19
N ARG B 56 22.37 14.39 22.36
CA ARG B 56 21.86 15.39 21.47
C ARG B 56 22.99 15.88 20.63
N PRO B 57 22.69 16.34 19.43
CA PRO B 57 23.69 16.81 18.47
C PRO B 57 24.73 17.75 19.02
N PRO B 58 24.33 18.71 19.85
CA PRO B 58 25.21 19.65 20.54
C PRO B 58 26.08 18.95 21.58
N GLU B 59 25.63 17.83 22.11
CA GLU B 59 26.44 17.08 23.01
C GLU B 59 27.39 16.20 22.23
N ILE B 60 27.08 15.94 20.97
CA ILE B 60 27.91 15.09 20.12
C ILE B 60 29.05 15.84 19.47
N CYS B 61 28.79 17.03 18.99
CA CYS B 61 29.85 17.82 18.39
C CYS B 61 29.67 19.29 18.71
N GLU B 62 30.75 20.05 18.57
CA GLU B 62 30.78 21.46 18.97
C GLU B 62 29.83 22.33 18.16
N ASN B 63 29.77 22.08 16.85
CA ASN B 63 29.05 22.95 15.90
C ASN B 63 28.07 22.20 15.02
N PRO B 64 27.02 21.67 15.63
CA PRO B 64 26.06 20.89 14.87
C PRO B 64 25.26 21.76 13.93
N ARG B 65 24.79 21.15 12.83
CA ARG B 65 23.94 21.83 11.84
C ARG B 65 22.83 20.92 11.37
N PHE B 66 21.67 21.47 11.09
CA PHE B 66 20.57 20.70 10.56
C PHE B 66 20.90 20.32 9.11
N ILE B 67 21.08 21.32 8.25
CA ILE B 67 21.39 21.09 6.86
C ILE B 67 22.66 21.83 6.49
N ILE B 68 23.60 21.12 5.89
CA ILE B 68 24.85 21.68 5.40
C ILE B 68 24.98 21.42 3.90
N ASP B 69 25.26 22.47 3.15
CA ASP B 69 25.43 22.41 1.70
C ASP B 69 24.23 21.82 0.99
N GLY B 70 23.06 21.99 1.61
CA GLY B 70 21.83 21.43 1.07
C GLY B 70 21.55 20.04 1.58
N ALA B 71 20.32 19.62 1.41
CA ALA B 71 19.92 18.26 1.72
C ALA B 71 20.00 17.46 0.46
N ASN B 72 20.98 16.59 0.38
CA ASN B 72 21.12 15.79 -0.81
C ASN B 72 21.51 14.36 -0.46
N ARG B 73 21.50 13.51 -1.46
CA ARG B 73 21.62 12.08 -1.26
C ARG B 73 22.94 11.58 -0.61
N THR B 74 24.00 12.37 -0.67
CA THR B 74 25.23 12.02 0.02
C THR B 74 25.07 12.11 1.56
N ASP B 75 23.98 12.74 2.02
CA ASP B 75 23.69 12.91 3.45
C ASP B 75 22.97 11.72 4.07
N ILE B 76 22.73 10.69 3.27
CA ILE B 76 21.99 9.51 3.72
C ILE B 76 22.93 8.30 3.70
N CYS B 77 23.46 7.96 4.86
CA CYS B 77 24.36 6.84 4.98
C CYS B 77 23.86 5.89 6.05
N GLN B 78 23.58 4.67 5.64
CA GLN B 78 22.96 3.69 6.52
C GLN B 78 23.90 3.27 7.64
N GLY B 79 23.33 3.08 8.82
CA GLY B 79 24.08 2.64 9.99
C GLY B 79 23.67 1.22 10.37
N GLU B 80 23.66 0.93 11.67
CA GLU B 80 23.42 -0.44 12.14
C GLU B 80 21.93 -0.73 12.28
N LEU B 81 21.19 -0.46 11.23
CA LEU B 81 19.75 -0.72 11.22
C LEU B 81 19.36 -0.95 9.79
N GLY B 82 18.57 -2.00 9.55
CA GLY B 82 18.28 -2.47 8.20
C GLY B 82 17.09 -1.75 7.59
N ASP B 83 17.24 -0.45 7.36
CA ASP B 83 16.16 0.36 6.82
C ASP B 83 16.51 0.95 5.45
N ALA B 84 17.31 0.24 4.68
CA ALA B 84 17.68 0.67 3.32
C ALA B 84 16.46 1.00 2.48
N TRP B 85 15.42 0.21 2.63
CA TRP B 85 14.15 0.46 1.92
C TRP B 85 13.69 1.91 2.06
N PHE B 86 13.83 2.44 3.27
CA PHE B 86 13.42 3.78 3.63
C PHE B 86 14.46 4.80 3.17
N LEU B 87 15.72 4.52 3.44
CA LEU B 87 16.81 5.42 3.06
C LEU B 87 16.96 5.60 1.56
N ALA B 88 16.74 4.53 0.80
CA ALA B 88 16.79 4.63 -0.63
C ALA B 88 15.72 5.62 -1.11
N ALA B 89 14.59 5.64 -0.42
CA ALA B 89 13.48 6.54 -0.80
C ALA B 89 13.80 7.99 -0.50
N ILE B 90 14.46 8.23 0.62
CA ILE B 90 14.88 9.57 0.98
C ILE B 90 15.83 10.09 -0.06
N ALA B 91 16.79 9.25 -0.42
CA ALA B 91 17.77 9.63 -1.42
C ALA B 91 17.10 10.02 -2.72
N CYS B 92 16.08 9.26 -3.12
CA CYS B 92 15.34 9.54 -4.33
C CYS B 92 14.60 10.86 -4.23
N LEU B 93 14.04 11.10 -3.07
CA LEU B 93 13.35 12.36 -2.78
C LEU B 93 14.25 13.57 -2.99
N THR B 94 15.52 13.48 -2.60
CA THR B 94 16.45 14.60 -2.72
C THR B 94 16.68 14.99 -4.18
N LEU B 95 16.38 14.09 -5.10
CA LEU B 95 16.42 14.44 -6.52
C LEU B 95 15.32 15.36 -6.95
N ASN B 96 14.36 15.58 -6.07
CA ASN B 96 13.25 16.44 -6.37
C ASN B 96 13.09 17.42 -5.23
N GLN B 97 13.91 18.48 -5.25
CA GLN B 97 14.05 19.39 -4.11
C GLN B 97 12.74 20.02 -3.66
N HIS B 98 11.88 20.38 -4.60
CA HIS B 98 10.68 21.08 -4.19
C HIS B 98 9.71 20.12 -3.46
N LEU B 99 9.70 18.84 -3.84
CA LEU B 99 8.99 17.82 -3.05
C LEU B 99 9.66 17.60 -1.71
N LEU B 100 10.98 17.61 -1.71
CA LEU B 100 11.74 17.35 -0.50
C LEU B 100 11.39 18.32 0.62
N PHE B 101 11.21 19.59 0.29
CA PHE B 101 11.04 20.58 1.34
C PHE B 101 9.61 20.68 1.89
N ARG B 102 8.70 19.87 1.35
CA ARG B 102 7.44 19.55 2.04
C ARG B 102 7.62 18.59 3.21
N VAL B 103 8.50 17.60 3.03
CA VAL B 103 8.74 16.58 4.06
C VAL B 103 9.61 17.17 5.16
N ILE B 104 10.58 17.99 4.76
CA ILE B 104 11.54 18.59 5.68
C ILE B 104 11.39 20.09 5.71
N PRO B 105 10.85 20.66 6.80
CA PRO B 105 10.82 22.11 6.97
C PRO B 105 12.20 22.74 7.12
N HIS B 106 12.49 23.67 6.22
CA HIS B 106 13.75 24.43 6.17
C HIS B 106 14.07 25.29 7.40
N ASP B 107 13.00 25.80 8.03
CA ASP B 107 13.13 26.78 9.10
C ASP B 107 13.52 26.16 10.44
N GLN B 108 14.63 25.41 10.45
CA GLN B 108 15.02 24.63 11.63
C GLN B 108 16.52 24.66 11.79
N SER B 109 16.97 24.80 13.04
CA SER B 109 18.34 25.19 13.30
C SER B 109 18.82 24.85 14.71
N PHE B 110 20.13 24.65 14.82
CA PHE B 110 20.82 24.49 16.09
C PHE B 110 21.42 25.81 16.62
N ILE B 111 21.52 26.79 15.73
CA ILE B 111 22.18 28.06 16.04
C ILE B 111 21.20 29.21 16.26
N GLU B 112 19.90 28.97 16.11
CA GLU B 112 18.90 30.02 16.28
C GLU B 112 17.57 29.41 16.71
N ASN B 113 17.04 29.89 17.82
CA ASN B 113 15.79 29.36 18.41
C ASN B 113 15.84 27.87 18.72
N TYR B 114 16.98 27.42 19.20
CA TYR B 114 17.16 26.02 19.52
C TYR B 114 16.58 25.61 20.83
N ALA B 115 15.60 24.74 20.80
CA ALA B 115 15.00 24.26 22.03
C ALA B 115 14.96 22.72 22.05
N GLY B 116 15.91 22.09 21.35
CA GLY B 116 15.99 20.64 21.27
C GLY B 116 14.76 19.93 20.71
N ILE B 117 14.01 20.62 19.84
CA ILE B 117 12.79 20.06 19.25
C ILE B 117 12.75 20.28 17.72
N PHE B 118 12.27 19.28 17.00
CA PHE B 118 12.22 19.35 15.54
C PHE B 118 10.97 18.66 15.06
N HIS B 119 10.64 18.89 13.80
CA HIS B 119 9.47 18.24 13.20
C HIS B 119 9.62 18.00 11.70
N PHE B 120 8.86 17.02 11.21
CA PHE B 120 8.83 16.68 9.79
C PHE B 120 7.42 16.33 9.39
N GLN B 121 7.16 16.32 8.09
CA GLN B 121 5.83 16.04 7.57
C GLN B 121 5.79 14.81 6.69
N PHE B 122 4.77 13.99 6.88
CA PHE B 122 4.59 12.79 6.09
C PHE B 122 3.17 12.71 5.58
N TRP B 123 3.02 12.12 4.40
CA TRP B 123 1.73 11.92 3.78
C TRP B 123 1.14 10.64 4.31
N ARG B 124 0.09 10.77 5.09
CA ARG B 124 -0.56 9.63 5.74
C ARG B 124 -2.07 9.71 5.56
N TYR B 125 -2.64 8.65 4.97
CA TYR B 125 -4.09 8.55 4.81
C TYR B 125 -4.68 9.81 4.21
N GLY B 126 -4.05 10.23 3.12
CA GLY B 126 -4.57 11.26 2.25
C GLY B 126 -4.37 12.67 2.72
N GLU B 127 -3.47 12.89 3.67
CA GLU B 127 -3.15 14.24 4.13
C GLU B 127 -1.76 14.32 4.75
N TRP B 128 -1.22 15.54 4.77
CA TRP B 128 0.05 15.81 5.44
C TRP B 128 -0.14 15.81 6.95
N VAL B 129 0.72 15.08 7.65
CA VAL B 129 0.67 15.03 9.11
C VAL B 129 2.03 15.40 9.70
N ASP B 130 2.00 16.13 10.80
CA ASP B 130 3.21 16.65 11.41
C ASP B 130 3.69 15.69 12.50
N VAL B 131 4.92 15.21 12.39
CA VAL B 131 5.53 14.40 13.42
C VAL B 131 6.56 15.26 14.15
N VAL B 132 6.39 15.40 15.46
CA VAL B 132 7.29 16.18 16.30
C VAL B 132 8.19 15.25 17.10
N ILE B 133 9.46 15.62 17.27
CA ILE B 133 10.41 14.82 18.03
C ILE B 133 11.36 15.68 18.83
N ASP B 134 11.91 15.11 19.90
CA ASP B 134 13.05 15.71 20.55
C ASP B 134 14.27 15.28 19.74
N ASP B 135 15.38 15.97 19.91
CA ASP B 135 16.53 15.61 19.14
C ASP B 135 17.50 14.67 19.81
N CYS B 136 17.07 13.82 20.72
CA CYS B 136 18.01 12.89 21.29
C CYS B 136 18.15 11.78 20.29
N LEU B 137 19.37 11.37 20.09
CA LEU B 137 19.65 10.33 19.11
C LEU B 137 20.54 9.27 19.73
N PRO B 138 20.33 8.00 19.32
CA PRO B 138 21.16 6.92 19.83
C PRO B 138 22.58 7.06 19.39
N THR B 139 23.50 6.89 20.32
CA THR B 139 24.92 6.96 20.03
C THR B 139 25.68 5.84 20.72
N TYR B 140 26.91 5.64 20.26
CA TYR B 140 27.86 4.78 20.93
C TYR B 140 29.26 5.36 20.72
N ASN B 141 30.01 5.50 21.81
CA ASN B 141 31.23 6.34 21.86
C ASN B 141 31.02 7.69 21.20
N ASN B 142 29.91 8.32 21.49
CA ASN B 142 29.64 9.67 21.02
C ASN B 142 29.52 9.79 19.50
N GLN B 143 29.03 8.72 18.86
CA GLN B 143 28.82 8.70 17.42
C GLN B 143 27.49 8.04 17.09
N LEU B 144 26.82 8.51 16.04
CA LEU B 144 25.52 7.98 15.66
C LEU B 144 25.70 6.55 15.19
N VAL B 145 24.79 5.68 15.60
CA VAL B 145 24.87 4.27 15.27
C VAL B 145 23.93 3.94 14.11
N PHE B 146 22.84 4.69 14.08
CA PHE B 146 21.84 4.65 13.01
C PHE B 146 22.27 5.59 11.91
N THR B 147 21.37 5.88 10.97
CA THR B 147 21.70 6.64 9.79
C THR B 147 22.24 8.04 10.13
N LYS B 148 23.28 8.42 9.39
CA LYS B 148 24.01 9.66 9.56
C LYS B 148 24.34 10.22 8.19
N SER B 149 24.97 11.38 8.18
CA SER B 149 25.47 11.98 6.95
C SER B 149 26.98 11.81 6.79
N ASN B 150 27.40 11.81 5.55
CA ASN B 150 28.79 11.99 5.16
C ASN B 150 29.53 13.04 5.97
N HIS B 151 28.82 14.10 6.33
CA HIS B 151 29.37 15.23 7.06
C HIS B 151 29.05 15.00 8.53
N ARG B 152 30.09 14.88 9.36
CA ARG B 152 29.91 14.56 10.79
C ARG B 152 28.96 15.48 11.56
N ASN B 153 28.88 16.72 11.11
CA ASN B 153 28.07 17.77 11.75
C ASN B 153 26.64 17.94 11.25
N GLU B 154 26.25 17.21 10.20
CA GLU B 154 24.92 17.40 9.58
C GLU B 154 23.96 16.41 10.21
N PHE B 155 22.78 16.86 10.62
CA PHE B 155 21.84 15.99 11.36
C PHE B 155 20.42 15.82 10.82
N TRP B 156 20.07 16.45 9.71
CA TRP B 156 18.70 16.32 9.20
C TRP B 156 18.28 14.90 8.93
N SER B 157 19.17 14.11 8.32
CA SER B 157 18.80 12.74 7.92
C SER B 157 18.64 11.82 9.13
N ALA B 158 19.52 11.96 10.12
CA ALA B 158 19.37 11.21 11.38
C ALA B 158 18.06 11.53 12.10
N LEU B 159 17.71 12.82 12.12
CA LEU B 159 16.47 13.26 12.74
C LEU B 159 15.24 12.80 11.95
N LEU B 160 15.31 12.83 10.62
CA LEU B 160 14.19 12.39 9.80
C LEU B 160 13.90 10.93 10.05
N GLU B 161 14.96 10.14 10.09
CA GLU B 161 14.86 8.74 10.45
C GLU B 161 14.22 8.56 11.83
N LYS B 162 14.64 9.35 12.81
CA LYS B 162 14.03 9.27 14.13
C LYS B 162 12.54 9.54 14.04
N ALA B 163 12.16 10.55 13.28
CA ALA B 163 10.75 10.89 13.14
C ALA B 163 9.96 9.79 12.47
N TYR B 164 10.57 9.12 11.50
CA TYR B 164 9.90 8.02 10.83
C TYR B 164 9.78 6.85 11.77
N ALA B 165 10.82 6.61 12.55
CA ALA B 165 10.75 5.57 13.58
C ALA B 165 9.58 5.82 14.54
N LYS B 166 9.46 7.04 15.04
CA LYS B 166 8.34 7.42 15.89
C LYS B 166 6.98 7.13 15.26
N LEU B 167 6.87 7.40 13.96
CA LEU B 167 5.63 7.14 13.24
C LEU B 167 5.30 5.65 13.22
N HIS B 168 6.33 4.80 13.25
CA HIS B 168 6.16 3.34 13.26
C HIS B 168 6.25 2.72 14.66
N GLY B 169 6.45 3.57 15.68
CA GLY B 169 6.47 3.13 17.06
C GLY B 169 7.85 2.83 17.64
N SER B 170 8.82 2.46 16.81
CA SER B 170 10.17 2.19 17.30
C SER B 170 11.19 2.16 16.17
N TYR B 171 12.46 2.27 16.50
CA TYR B 171 13.52 2.11 15.50
C TYR B 171 13.50 0.68 14.91
N GLU B 172 13.29 -0.31 15.77
CA GLU B 172 13.23 -1.70 15.32
C GLU B 172 12.12 -1.90 14.30
N ALA B 173 11.03 -1.14 14.42
CA ALA B 173 9.92 -1.24 13.49
C ALA B 173 10.28 -0.89 12.04
N LEU B 174 11.43 -0.24 11.85
CA LEU B 174 11.92 0.13 10.51
C LEU B 174 12.76 -0.97 9.86
N LYS B 175 13.09 -2.02 10.62
CA LYS B 175 13.79 -3.19 10.08
C LYS B 175 12.87 -3.86 9.08
N GLY B 176 13.31 -3.98 7.84
CA GLY B 176 12.48 -4.57 6.80
C GLY B 176 11.24 -3.75 6.49
N GLY B 177 10.93 -3.65 5.21
CA GLY B 177 9.83 -2.81 4.74
C GLY B 177 9.98 -2.64 3.24
N ASN B 178 9.03 -1.94 2.62
CA ASN B 178 9.11 -1.75 1.17
C ASN B 178 9.36 -0.30 0.80
N THR B 179 10.25 -0.11 -0.17
CA THR B 179 10.63 1.23 -0.62
C THR B 179 9.43 2.07 -1.06
N THR B 180 8.45 1.44 -1.70
CA THR B 180 7.26 2.15 -2.14
C THR B 180 6.45 2.73 -0.97
N GLU B 181 6.43 2.03 0.16
CA GLU B 181 5.72 2.52 1.33
C GLU B 181 6.24 3.91 1.69
N ALA B 182 7.56 4.03 1.74
CA ALA B 182 8.21 5.30 2.09
C ALA B 182 8.07 6.36 1.00
N MET B 183 8.20 5.94 -0.24
CA MET B 183 7.99 6.85 -1.36
C MET B 183 6.61 7.51 -1.28
N GLU B 184 5.58 6.71 -0.98
CA GLU B 184 4.20 7.24 -0.84
C GLU B 184 4.06 8.14 0.37
N ASP B 185 4.71 7.78 1.47
CA ASP B 185 4.72 8.63 2.65
C ASP B 185 5.41 9.99 2.44
N PHE B 186 6.29 10.09 1.45
CA PHE B 186 6.98 11.35 1.16
C PHE B 186 6.30 12.18 0.08
N THR B 187 5.43 11.57 -0.71
CA THR B 187 4.91 12.26 -1.91
C THR B 187 3.41 12.18 -2.15
N GLY B 188 2.75 11.20 -1.54
CA GLY B 188 1.35 10.96 -1.82
C GLY B 188 1.13 10.49 -3.24
N GLY B 189 2.14 9.83 -3.81
CA GLY B 189 2.04 9.31 -5.16
C GLY B 189 1.54 7.89 -5.19
N VAL B 190 1.43 7.34 -6.39
CA VAL B 190 0.92 5.99 -6.60
C VAL B 190 2.02 5.06 -7.09
N ALA B 191 2.21 3.97 -6.35
CA ALA B 191 3.24 2.98 -6.65
C ALA B 191 2.88 2.15 -7.88
N GLU B 192 3.91 1.82 -8.67
CA GLU B 192 3.79 0.98 -9.85
C GLU B 192 4.99 0.02 -9.87
N PHE B 193 4.75 -1.29 -10.01
CA PHE B 193 5.82 -2.29 -9.90
C PHE B 193 6.14 -2.91 -11.24
N PHE B 194 7.41 -3.29 -11.41
CA PHE B 194 7.86 -3.93 -12.63
C PHE B 194 8.79 -5.08 -12.28
N GLU B 195 8.51 -6.24 -12.86
CA GLU B 195 9.44 -7.35 -12.84
C GLU B 195 10.29 -7.14 -14.06
N ILE B 196 11.59 -6.99 -13.85
CA ILE B 196 12.51 -6.59 -14.92
C ILE B 196 12.67 -7.67 -16.02
N ARG B 197 12.33 -8.92 -15.70
CA ARG B 197 12.29 -9.98 -16.72
C ARG B 197 11.13 -9.78 -17.71
N ASP B 198 9.99 -9.31 -17.20
CA ASP B 198 8.83 -8.98 -18.04
C ASP B 198 8.90 -7.56 -18.63
N ALA B 199 10.02 -6.89 -18.42
CA ALA B 199 10.16 -5.47 -18.80
C ALA B 199 9.77 -5.24 -20.25
N PRO B 200 8.94 -4.22 -20.52
CA PRO B 200 8.70 -3.91 -21.93
C PRO B 200 9.98 -3.53 -22.66
N SER B 201 9.91 -3.50 -23.98
CA SER B 201 11.05 -3.09 -24.81
C SER B 201 11.46 -1.64 -24.52
N ASP B 202 10.48 -0.79 -24.24
CA ASP B 202 10.70 0.65 -24.05
C ASP B 202 10.86 1.06 -22.57
N MET B 203 11.33 0.18 -21.70
CA MET B 203 11.36 0.49 -20.27
C MET B 203 12.39 1.56 -19.91
N TYR B 204 13.53 1.55 -20.59
CA TYR B 204 14.46 2.67 -20.48
C TYR B 204 13.69 3.99 -20.64
N LYS B 205 12.84 4.08 -21.66
CA LYS B 205 12.07 5.30 -21.91
C LYS B 205 11.10 5.57 -20.78
N ILE B 206 10.42 4.53 -20.31
CA ILE B 206 9.47 4.67 -19.21
C ILE B 206 10.16 5.27 -17.99
N MET B 207 11.36 4.76 -17.70
CA MET B 207 12.18 5.21 -16.58
C MET B 207 12.69 6.62 -16.80
N LYS B 208 13.13 6.89 -18.03
CA LYS B 208 13.62 8.20 -18.40
C LYS B 208 12.53 9.26 -18.18
N LYS B 209 11.32 9.00 -18.65
CA LYS B 209 10.23 9.96 -18.48
C LYS B 209 9.87 10.13 -17.03
N ALA B 210 10.00 9.05 -16.27
CA ALA B 210 9.66 9.05 -14.85
C ALA B 210 10.62 9.91 -14.05
N ILE B 211 11.91 9.79 -14.33
CA ILE B 211 12.92 10.58 -13.61
C ILE B 211 12.82 12.07 -13.95
N GLU B 212 12.58 12.39 -15.23
CA GLU B 212 12.37 13.77 -15.70
C GLU B 212 11.09 14.43 -15.16
N ARG B 213 10.10 13.62 -14.83
CA ARG B 213 8.83 14.09 -14.28
C ARG B 213 8.94 14.32 -12.75
N GLY B 214 10.04 13.87 -12.17
CA GLY B 214 10.27 14.00 -10.74
C GLY B 214 9.82 12.79 -9.93
N SER B 215 9.39 11.72 -10.60
CA SER B 215 8.99 10.50 -9.92
C SER B 215 10.19 9.78 -9.30
N LEU B 216 9.93 9.15 -8.16
CA LEU B 216 10.94 8.44 -7.39
C LEU B 216 11.06 6.97 -7.85
N MET B 217 12.28 6.48 -7.99
CA MET B 217 12.53 5.11 -8.49
C MET B 217 13.52 4.34 -7.64
N GLY B 218 13.12 3.14 -7.25
CA GLY B 218 14.01 2.21 -6.56
C GLY B 218 14.13 0.93 -7.34
N CYS B 219 15.10 0.12 -6.98
CA CYS B 219 15.23 -1.21 -7.55
C CYS B 219 16.02 -2.16 -6.64
N SER B 220 15.83 -3.45 -6.84
CA SER B 220 16.52 -4.46 -6.05
C SER B 220 16.74 -5.75 -6.79
N ILE B 221 17.58 -6.59 -6.20
CA ILE B 221 17.81 -7.96 -6.66
C ILE B 221 17.12 -8.87 -5.65
N ASP B 222 16.19 -9.69 -6.15
CA ASP B 222 15.35 -10.56 -5.29
C ASP B 222 16.09 -11.57 -4.39
N ASP B 223 15.69 -11.61 -3.12
CA ASP B 223 16.19 -12.60 -2.14
C ASP B 223 15.19 -13.75 -1.95
N GLY B 224 13.92 -13.38 -1.79
CA GLY B 224 12.85 -14.35 -1.64
C GLY B 224 11.59 -13.73 -1.04
N THR B 225 11.60 -13.45 0.26
CA THR B 225 10.60 -12.55 0.87
C THR B 225 10.82 -11.15 0.27
N ASN B 226 9.78 -10.59 -0.34
CA ASN B 226 9.89 -9.29 -1.03
C ASN B 226 9.88 -8.08 -0.10
N MET B 227 10.98 -7.90 0.65
CA MET B 227 11.22 -6.66 1.42
C MET B 227 12.46 -5.85 0.95
N THR B 228 12.24 -4.57 0.57
CA THR B 228 13.23 -3.62 -0.06
C THR B 228 12.91 -3.43 -1.57
N TYR B 277 31.26 -2.67 6.51
CA TYR B 277 30.23 -3.12 5.58
C TYR B 277 30.84 -3.71 4.32
N GLU B 278 30.80 -5.04 4.22
CA GLU B 278 31.41 -5.75 3.12
C GLU B 278 30.39 -6.05 2.00
N THR B 279 30.94 -6.35 0.83
CA THR B 279 30.18 -6.54 -0.40
C THR B 279 29.41 -7.86 -0.34
N ARG B 280 28.34 -8.02 -1.12
CA ARG B 280 27.68 -9.32 -1.26
C ARG B 280 28.20 -10.04 -2.50
N MET B 281 28.00 -9.47 -3.69
CA MET B 281 28.35 -10.14 -4.95
C MET B 281 29.71 -9.72 -5.51
N ALA B 282 30.23 -10.54 -6.40
CA ALA B 282 31.54 -10.32 -7.02
C ALA B 282 31.55 -9.04 -7.86
N CYS B 283 30.43 -8.77 -8.54
CA CYS B 283 30.29 -7.59 -9.39
C CYS B 283 30.10 -6.28 -8.60
N GLY B 284 29.95 -6.38 -7.27
CA GLY B 284 29.86 -5.20 -6.40
C GLY B 284 28.45 -4.81 -6.01
N LEU B 285 27.46 -5.58 -6.44
CA LEU B 285 26.08 -5.34 -6.09
C LEU B 285 25.69 -6.11 -4.84
N VAL B 286 24.56 -5.73 -4.24
CA VAL B 286 24.10 -6.37 -3.03
C VAL B 286 22.71 -6.93 -3.27
N ARG B 287 22.52 -8.17 -2.85
CA ARG B 287 21.25 -8.86 -3.01
C ARG B 287 20.30 -8.48 -1.88
N GLY B 288 19.02 -8.41 -2.22
CA GLY B 288 17.97 -8.13 -1.25
C GLY B 288 18.14 -6.78 -0.61
N HIS B 289 18.59 -5.81 -1.42
CA HIS B 289 19.01 -4.50 -0.94
C HIS B 289 18.44 -3.43 -1.85
N ALA B 290 17.82 -2.43 -1.24
CA ALA B 290 17.20 -1.32 -1.96
C ALA B 290 18.25 -0.39 -2.51
N TYR B 291 18.16 -0.07 -3.79
CA TYR B 291 19.03 0.90 -4.42
C TYR B 291 18.15 2.03 -4.93
N SER B 292 18.70 3.22 -5.01
CA SER B 292 18.00 4.35 -5.57
C SER B 292 18.42 4.48 -7.01
N VAL B 293 17.46 4.71 -7.90
CA VAL B 293 17.76 5.10 -9.27
C VAL B 293 17.89 6.61 -9.28
N THR B 294 19.09 7.10 -9.59
CA THR B 294 19.36 8.54 -9.54
C THR B 294 19.69 9.17 -10.89
N GLY B 295 19.68 8.39 -11.96
CA GLY B 295 19.95 8.97 -13.26
C GLY B 295 19.81 7.99 -14.39
N LEU B 296 19.49 8.52 -15.55
CA LEU B 296 19.38 7.74 -16.78
C LEU B 296 19.85 8.57 -17.93
N ASP B 297 20.72 8.00 -18.75
CA ASP B 297 21.26 8.77 -19.84
C ASP B 297 21.81 7.92 -20.97
N GLU B 298 22.13 8.59 -22.08
CA GLU B 298 22.78 7.97 -23.24
C GLU B 298 24.09 8.67 -23.47
N VAL B 299 25.12 7.86 -23.72
CA VAL B 299 26.43 8.40 -23.97
C VAL B 299 26.96 7.85 -25.30
N PRO B 300 27.63 8.71 -26.10
CA PRO B 300 28.36 8.22 -27.26
C PRO B 300 29.64 7.50 -26.81
N PHE B 301 29.78 6.27 -27.29
CA PHE B 301 30.95 5.45 -26.98
C PHE B 301 31.27 4.58 -28.19
N LYS B 302 32.41 4.89 -28.82
CA LYS B 302 32.89 4.14 -29.98
C LYS B 302 31.85 4.06 -31.10
N GLY B 303 31.28 5.21 -31.47
CA GLY B 303 30.40 5.30 -32.63
C GLY B 303 28.93 5.29 -32.29
N GLU B 304 28.49 4.26 -31.56
CA GLU B 304 27.07 4.15 -31.19
C GLU B 304 26.78 4.78 -29.82
N LYS B 305 25.48 4.97 -29.56
CA LYS B 305 25.00 5.52 -28.29
C LYS B 305 24.69 4.40 -27.30
N VAL B 306 25.23 4.52 -26.08
CA VAL B 306 25.04 3.51 -25.04
C VAL B 306 24.14 4.01 -23.91
N LYS B 307 23.06 3.27 -23.67
CA LYS B 307 22.12 3.59 -22.60
C LYS B 307 22.70 3.24 -21.21
N LEU B 308 22.69 4.22 -20.31
CA LEU B 308 23.23 4.05 -18.95
C LEU B 308 22.19 4.26 -17.88
N VAL B 309 22.39 3.59 -16.76
CA VAL B 309 21.59 3.78 -15.56
C VAL B 309 22.52 4.14 -14.39
N ARG B 310 22.17 5.19 -13.66
CA ARG B 310 22.88 5.54 -12.44
C ARG B 310 22.12 5.13 -11.21
N LEU B 311 22.81 4.48 -10.29
CA LEU B 311 22.21 3.96 -9.06
C LEU B 311 23.01 4.42 -7.85
N ARG B 312 22.36 4.43 -6.69
CA ARG B 312 23.04 4.72 -5.45
C ARG B 312 22.68 3.72 -4.35
N ASN B 313 23.71 3.10 -3.80
CA ASN B 313 23.58 2.22 -2.67
C ASN B 313 23.47 3.07 -1.41
N PRO B 314 22.35 2.93 -0.66
CA PRO B 314 22.19 3.76 0.55
C PRO B 314 23.21 3.52 1.68
N TRP B 315 24.12 2.58 1.50
CA TRP B 315 25.25 2.46 2.42
C TRP B 315 26.20 3.63 2.28
N GLY B 316 26.21 4.26 1.11
CA GLY B 316 27.19 5.28 0.78
C GLY B 316 28.55 4.70 0.43
N GLN B 317 28.58 3.38 0.25
CA GLN B 317 29.79 2.61 0.03
C GLN B 317 29.37 1.41 -0.80
N VAL B 318 30.34 0.73 -1.39
CA VAL B 318 30.13 -0.53 -2.10
C VAL B 318 29.41 -0.36 -3.44
N GLU B 319 30.22 -0.07 -4.44
CA GLU B 319 29.72 0.25 -5.76
C GLU B 319 29.91 -0.95 -6.67
N TRP B 320 29.20 -0.90 -7.79
CA TRP B 320 29.39 -1.80 -8.90
C TRP B 320 30.78 -1.63 -9.46
N ASN B 321 31.38 -2.74 -9.91
CA ASN B 321 32.74 -2.75 -10.47
C ASN B 321 32.84 -3.16 -11.96
N GLY B 322 31.69 -3.40 -12.60
CA GLY B 322 31.66 -3.71 -14.02
C GLY B 322 31.90 -2.50 -14.91
N SER B 323 31.46 -2.60 -16.16
CA SER B 323 31.66 -1.50 -17.12
C SER B 323 30.87 -0.26 -16.72
N TRP B 324 31.50 0.89 -16.81
CA TRP B 324 30.94 2.20 -16.45
C TRP B 324 31.07 2.49 -14.97
N SER B 325 31.58 1.52 -14.21
CA SER B 325 31.95 1.75 -12.84
C SER B 325 32.98 2.86 -12.79
N ASP B 326 33.27 3.34 -11.59
CA ASP B 326 34.07 4.53 -11.43
C ASP B 326 35.45 4.34 -12.04
N ARG B 327 36.10 3.25 -11.68
CA ARG B 327 37.50 2.98 -12.05
C ARG B 327 37.66 2.25 -13.40
N TRP B 328 36.58 2.11 -14.14
CA TRP B 328 36.60 1.51 -15.47
C TRP B 328 37.49 2.32 -16.42
N LYS B 329 38.42 1.64 -17.10
CA LYS B 329 39.45 2.32 -17.90
C LYS B 329 38.87 2.99 -19.14
N ASP B 330 37.89 2.32 -19.74
CA ASP B 330 37.30 2.81 -21.00
C ASP B 330 36.45 4.08 -20.83
N TRP B 331 36.40 4.62 -19.61
CA TRP B 331 35.97 6.00 -19.40
C TRP B 331 36.89 6.98 -20.15
N SER B 332 38.15 6.59 -20.35
CA SER B 332 39.10 7.37 -21.14
C SER B 332 38.61 7.65 -22.58
N PHE B 333 37.89 6.69 -23.17
CA PHE B 333 37.32 6.83 -24.51
C PHE B 333 36.12 7.77 -24.55
N VAL B 334 35.66 8.25 -23.39
CA VAL B 334 34.52 9.17 -23.32
C VAL B 334 34.99 10.62 -23.33
N ASP B 335 34.22 11.45 -24.05
CA ASP B 335 34.48 12.87 -24.20
C ASP B 335 34.48 13.60 -22.84
N LYS B 336 35.31 14.63 -22.71
CA LYS B 336 35.47 15.34 -21.44
C LYS B 336 34.24 16.16 -21.01
N ASP B 337 33.54 16.76 -21.97
CA ASP B 337 32.31 17.47 -21.67
C ASP B 337 31.20 16.51 -21.23
N GLU B 338 31.13 15.37 -21.91
CA GLU B 338 30.13 14.35 -21.62
C GLU B 338 30.29 13.77 -20.22
N LYS B 339 31.53 13.55 -19.81
CA LYS B 339 31.82 13.15 -18.45
C LYS B 339 31.23 14.13 -17.45
N ALA B 340 31.36 15.43 -17.76
CA ALA B 340 30.85 16.47 -16.87
C ALA B 340 29.32 16.47 -16.82
N ARG B 341 28.68 16.26 -17.96
CA ARG B 341 27.23 16.19 -18.04
C ARG B 341 26.69 15.02 -17.21
N LEU B 342 27.46 13.93 -17.19
CA LEU B 342 27.10 12.73 -16.42
C LEU B 342 27.53 12.81 -14.97
N GLN B 343 28.20 13.91 -14.60
CA GLN B 343 28.72 14.11 -13.24
C GLN B 343 29.60 12.95 -12.79
N HIS B 344 30.38 12.39 -13.71
CA HIS B 344 31.22 11.24 -13.42
C HIS B 344 32.37 11.61 -12.47
N GLN B 345 32.40 10.98 -11.30
CA GLN B 345 33.49 11.16 -10.35
C GLN B 345 33.98 9.79 -9.91
N VAL B 346 35.27 9.69 -9.62
CA VAL B 346 35.82 8.50 -9.00
C VAL B 346 35.78 8.69 -7.48
N THR B 347 34.68 8.27 -6.87
CA THR B 347 34.47 8.40 -5.43
C THR B 347 33.75 7.22 -4.87
N GLU B 348 34.22 6.69 -3.74
CA GLU B 348 33.50 5.65 -3.04
C GLU B 348 32.39 6.29 -2.21
N ASP B 349 31.28 6.60 -2.88
CA ASP B 349 30.13 7.26 -2.27
C ASP B 349 28.84 6.43 -2.35
N GLY B 350 28.92 5.22 -2.91
CA GLY B 350 27.73 4.39 -3.11
C GLY B 350 27.07 4.57 -4.46
N GLU B 351 27.53 5.55 -5.24
CA GLU B 351 26.87 5.89 -6.50
C GLU B 351 27.73 5.55 -7.71
N PHE B 352 27.08 5.05 -8.75
CA PHE B 352 27.77 4.54 -9.91
C PHE B 352 26.86 4.45 -11.11
N TRP B 353 27.47 4.56 -12.28
CA TRP B 353 26.81 4.28 -13.54
C TRP B 353 27.03 2.81 -13.89
N MET B 354 26.02 2.21 -14.50
CA MET B 354 26.13 0.91 -15.13
C MET B 354 25.33 0.96 -16.42
N SER B 355 25.58 0.00 -17.30
CA SER B 355 24.89 -0.04 -18.58
C SER B 355 23.48 -0.51 -18.37
N TYR B 356 22.55 0.05 -19.13
CA TYR B 356 21.16 -0.39 -19.08
C TYR B 356 21.08 -1.89 -19.25
N GLU B 357 21.88 -2.43 -20.17
CA GLU B 357 21.96 -3.88 -20.43
C GLU B 357 22.30 -4.67 -19.17
N ASP B 358 23.41 -4.33 -18.52
CA ASP B 358 23.81 -5.00 -17.28
C ASP B 358 22.78 -4.78 -16.18
N PHE B 359 22.16 -3.62 -16.18
CA PHE B 359 21.11 -3.32 -15.21
C PHE B 359 19.95 -4.31 -15.33
N ILE B 360 19.38 -4.44 -16.55
CA ILE B 360 18.25 -5.36 -16.76
C ILE B 360 18.64 -6.82 -16.51
N TYR B 361 19.91 -7.12 -16.71
CA TYR B 361 20.44 -8.45 -16.46
C TYR B 361 20.55 -8.82 -14.98
N HIS B 362 20.88 -7.85 -14.12
CA HIS B 362 21.10 -8.14 -12.69
C HIS B 362 19.90 -7.83 -11.80
N PHE B 363 19.23 -6.72 -12.03
CA PHE B 363 18.14 -6.30 -11.17
C PHE B 363 16.84 -6.97 -11.60
N THR B 364 15.98 -7.20 -10.62
CA THR B 364 14.78 -8.00 -10.84
C THR B 364 13.51 -7.22 -10.57
N LYS B 365 13.51 -6.41 -9.52
CA LYS B 365 12.37 -5.57 -9.17
C LYS B 365 12.70 -4.09 -9.44
N LEU B 366 11.76 -3.38 -10.06
CA LEU B 366 11.83 -1.92 -10.22
C LEU B 366 10.55 -1.32 -9.70
N GLU B 367 10.67 -0.34 -8.81
CA GLU B 367 9.52 0.26 -8.14
C GLU B 367 9.47 1.76 -8.46
N ILE B 368 8.42 2.20 -9.12
CA ILE B 368 8.25 3.62 -9.44
C ILE B 368 7.08 4.20 -8.67
N CYS B 369 7.32 5.33 -8.01
CA CYS B 369 6.24 6.06 -7.35
C CYS B 369 5.89 7.29 -8.16
N ASN B 370 4.75 7.22 -8.84
CA ASN B 370 4.31 8.28 -9.73
C ASN B 370 3.52 9.35 -9.03
N LEU B 371 3.82 10.60 -9.38
CA LEU B 371 3.20 11.70 -8.70
C LEU B 371 1.82 11.87 -9.31
N THR B 372 0.86 12.20 -8.48
CA THR B 372 -0.51 12.28 -8.95
C THR B 372 -0.64 13.61 -9.73
N ALA B 373 -1.78 13.82 -10.39
CA ALA B 373 -2.11 15.14 -10.95
C ALA B 373 -2.72 16.05 -9.86
N ASP B 374 -2.77 15.53 -8.62
CA ASP B 374 -3.41 16.17 -7.48
C ASP B 374 -2.47 16.17 -6.27
N LYS C 12 -6.13 -35.72 -27.23
CA LYS C 12 -6.44 -35.28 -28.63
C LYS C 12 -7.58 -34.23 -28.68
N GLU C 13 -8.56 -34.37 -27.80
CA GLU C 13 -9.60 -33.35 -27.56
C GLU C 13 -9.00 -32.18 -26.76
N LYS C 14 -9.66 -31.03 -26.79
CA LYS C 14 -9.14 -29.79 -26.18
C LYS C 14 -9.65 -29.54 -24.77
N THR C 15 -8.78 -29.02 -23.91
CA THR C 15 -9.11 -28.77 -22.49
C THR C 15 -9.93 -27.49 -22.30
N PHE C 16 -10.46 -27.32 -21.09
CA PHE C 16 -11.20 -26.12 -20.70
C PHE C 16 -10.35 -24.89 -20.93
N GLU C 17 -9.11 -24.92 -20.43
CA GLU C 17 -8.19 -23.77 -20.55
C GLU C 17 -8.06 -23.34 -21.99
N GLN C 18 -7.72 -24.30 -22.85
CA GLN C 18 -7.56 -24.06 -24.27
C GLN C 18 -8.79 -23.41 -24.89
N LEU C 19 -9.93 -24.09 -24.77
CA LEU C 19 -11.19 -23.61 -25.34
C LEU C 19 -11.60 -22.26 -24.79
N HIS C 20 -11.35 -22.05 -23.51
CA HIS C 20 -11.70 -20.79 -22.85
C HIS C 20 -10.84 -19.66 -23.42
N LYS C 21 -9.53 -19.89 -23.41
CA LYS C 21 -8.55 -18.91 -23.91
C LYS C 21 -8.84 -18.52 -25.36
N LYS C 22 -9.18 -19.52 -26.18
CA LYS C 22 -9.51 -19.30 -27.59
C LYS C 22 -10.73 -18.38 -27.74
N CYS C 23 -11.82 -18.74 -27.08
CA CYS C 23 -13.06 -17.98 -27.16
C CYS C 23 -12.91 -16.53 -26.72
N LEU C 24 -12.04 -16.30 -25.74
CA LEU C 24 -11.74 -14.94 -25.25
C LEU C 24 -11.03 -14.09 -26.31
N GLU C 25 -10.03 -14.68 -26.96
CA GLU C 25 -9.31 -14.02 -28.04
C GLU C 25 -10.20 -13.74 -29.25
N LYS C 26 -11.01 -14.71 -29.66
CA LYS C 26 -11.94 -14.52 -30.76
C LYS C 26 -13.05 -13.52 -30.40
N LYS C 27 -13.27 -13.30 -29.11
CA LYS C 27 -14.41 -12.50 -28.60
C LYS C 27 -15.75 -13.10 -29.03
N VAL C 28 -15.84 -14.42 -28.86
CA VAL C 28 -17.04 -15.18 -29.22
C VAL C 28 -17.46 -16.02 -28.00
N LEU C 29 -18.77 -16.28 -27.86
CA LEU C 29 -19.28 -17.16 -26.81
C LEU C 29 -19.25 -18.60 -27.29
N TYR C 30 -18.77 -19.49 -26.42
CA TYR C 30 -18.59 -20.89 -26.75
C TYR C 30 -19.93 -21.57 -27.07
N VAL C 31 -19.87 -22.54 -27.99
CA VAL C 31 -21.01 -23.36 -28.36
C VAL C 31 -20.50 -24.80 -28.42
N ASP C 32 -21.10 -25.67 -27.62
CA ASP C 32 -20.59 -27.03 -27.46
C ASP C 32 -20.99 -27.89 -28.65
N PRO C 33 -20.01 -28.28 -29.50
CA PRO C 33 -20.33 -29.19 -30.60
C PRO C 33 -20.78 -30.59 -30.12
N GLU C 34 -20.23 -31.06 -29.01
CA GLU C 34 -20.57 -32.37 -28.44
C GLU C 34 -21.99 -32.41 -27.82
N PHE C 35 -22.42 -31.29 -27.24
CA PHE C 35 -23.68 -31.21 -26.48
C PHE C 35 -24.39 -29.88 -26.77
N PRO C 36 -24.89 -29.72 -28.01
CA PRO C 36 -25.41 -28.45 -28.50
C PRO C 36 -26.77 -28.05 -27.94
N PRO C 37 -27.10 -26.74 -27.98
CA PRO C 37 -28.35 -26.23 -27.42
C PRO C 37 -29.54 -26.47 -28.33
N ASP C 38 -29.89 -27.74 -28.48
CA ASP C 38 -31.02 -28.14 -29.31
C ASP C 38 -31.65 -29.41 -28.73
N GLU C 39 -32.68 -29.92 -29.41
CA GLU C 39 -33.46 -31.05 -28.91
C GLU C 39 -32.71 -32.38 -28.76
N THR C 40 -31.54 -32.53 -29.38
CA THR C 40 -30.73 -33.76 -29.22
C THR C 40 -30.15 -33.86 -27.81
N SER C 41 -29.84 -32.70 -27.22
CA SER C 41 -29.30 -32.66 -25.86
C SER C 41 -30.40 -32.76 -24.78
N LEU C 42 -31.64 -32.47 -25.15
CA LEU C 42 -32.76 -32.61 -24.21
C LEU C 42 -33.23 -34.04 -24.06
N PHE C 43 -33.63 -34.66 -25.17
CA PHE C 43 -34.26 -35.98 -25.14
C PHE C 43 -33.71 -36.90 -26.23
N TYR C 44 -33.82 -38.21 -25.98
CA TYR C 44 -33.42 -39.21 -26.96
C TYR C 44 -34.63 -40.01 -27.48
N SER C 45 -35.65 -40.20 -26.65
CA SER C 45 -36.89 -40.87 -27.05
C SER C 45 -38.13 -40.01 -26.74
N GLN C 46 -38.47 -39.92 -25.45
CA GLN C 46 -39.64 -39.17 -25.02
C GLN C 46 -39.36 -37.67 -24.99
N LYS C 47 -40.12 -36.90 -25.77
CA LYS C 47 -39.97 -35.43 -25.82
C LYS C 47 -40.72 -34.77 -24.66
N PHE C 48 -40.26 -33.59 -24.24
CA PHE C 48 -40.97 -32.85 -23.21
C PHE C 48 -42.18 -32.19 -23.89
N PRO C 49 -43.32 -32.15 -23.17
CA PRO C 49 -44.60 -31.69 -23.75
C PRO C 49 -44.59 -30.24 -24.25
N ILE C 50 -43.81 -29.39 -23.60
CA ILE C 50 -43.69 -27.99 -23.95
C ILE C 50 -42.31 -27.78 -24.55
N GLN C 51 -42.23 -27.01 -25.63
CA GLN C 51 -40.96 -26.79 -26.29
C GLN C 51 -40.18 -25.64 -25.65
N PHE C 52 -38.89 -25.88 -25.42
CA PHE C 52 -38.05 -24.96 -24.66
C PHE C 52 -37.13 -24.13 -25.54
N VAL C 53 -36.91 -22.89 -25.10
CA VAL C 53 -35.94 -22.00 -25.71
C VAL C 53 -34.65 -22.07 -24.89
N TRP C 54 -33.52 -22.27 -25.56
CA TRP C 54 -32.21 -22.23 -24.89
C TRP C 54 -31.71 -20.81 -24.76
N LYS C 55 -31.32 -20.44 -23.55
CA LYS C 55 -30.80 -19.10 -23.27
C LYS C 55 -29.62 -19.17 -22.31
N ARG C 56 -28.66 -18.27 -22.49
CA ARG C 56 -27.55 -18.10 -21.57
C ARG C 56 -27.96 -17.19 -20.38
N PRO C 57 -27.31 -17.35 -19.21
CA PRO C 57 -27.76 -16.57 -18.04
C PRO C 57 -27.77 -15.03 -18.19
N PRO C 58 -26.83 -14.47 -18.97
CA PRO C 58 -26.91 -13.03 -19.23
C PRO C 58 -28.14 -12.63 -20.08
N GLU C 59 -28.64 -13.55 -20.88
CA GLU C 59 -29.89 -13.34 -21.62
C GLU C 59 -31.12 -13.50 -20.72
N ILE C 60 -30.95 -14.20 -19.59
CA ILE C 60 -32.05 -14.46 -18.66
C ILE C 60 -32.21 -13.36 -17.59
N CYS C 61 -31.11 -12.82 -17.10
CA CYS C 61 -31.18 -11.73 -16.16
C CYS C 61 -30.00 -10.79 -16.33
N GLU C 62 -30.16 -9.56 -15.84
CA GLU C 62 -29.17 -8.49 -16.05
C GLU C 62 -27.81 -8.77 -15.40
N ASN C 63 -27.85 -9.35 -14.20
CA ASN C 63 -26.66 -9.51 -13.36
C ASN C 63 -26.49 -10.93 -12.84
N PRO C 64 -26.24 -11.87 -13.77
CA PRO C 64 -26.09 -13.25 -13.39
C PRO C 64 -24.80 -13.47 -12.59
N ARG C 65 -24.84 -14.49 -11.73
CA ARG C 65 -23.69 -14.90 -10.91
C ARG C 65 -23.57 -16.41 -10.85
N PHE C 66 -22.34 -16.91 -10.81
CA PHE C 66 -22.12 -18.33 -10.70
C PHE C 66 -22.51 -18.78 -9.29
N ILE C 67 -21.84 -18.22 -8.29
CA ILE C 67 -22.10 -18.55 -6.90
C ILE C 67 -22.38 -17.29 -6.10
N ILE C 68 -23.48 -17.30 -5.36
CA ILE C 68 -23.88 -16.20 -4.49
C ILE C 68 -24.00 -16.72 -3.08
N ASP C 69 -23.34 -16.03 -2.15
CA ASP C 69 -23.39 -16.35 -0.71
C ASP C 69 -22.95 -17.77 -0.43
N GLY C 70 -22.10 -18.28 -1.31
CA GLY C 70 -21.66 -19.65 -1.21
C GLY C 70 -22.55 -20.63 -1.94
N ALA C 71 -22.01 -21.81 -2.18
CA ALA C 71 -22.76 -22.89 -2.76
C ALA C 71 -23.30 -23.70 -1.61
N ASN C 72 -24.59 -23.63 -1.38
CA ASN C 72 -25.21 -24.40 -0.33
C ASN C 72 -26.54 -24.99 -0.77
N ARG C 73 -27.10 -25.86 0.07
CA ARG C 73 -28.24 -26.69 -0.32
C ARG C 73 -29.52 -25.93 -0.69
N THR C 74 -29.66 -24.69 -0.25
CA THR C 74 -30.81 -23.88 -0.63
C THR C 74 -30.74 -23.49 -2.11
N ASP C 75 -29.58 -23.69 -2.74
CA ASP C 75 -29.38 -23.39 -4.15
C ASP C 75 -29.78 -24.52 -5.10
N ILE C 76 -30.33 -25.59 -4.55
CA ILE C 76 -30.71 -26.76 -5.34
C ILE C 76 -32.21 -26.93 -5.26
N CYS C 77 -32.91 -26.46 -6.28
CA CYS C 77 -34.35 -26.57 -6.35
C CYS C 77 -34.79 -27.25 -7.62
N GLN C 78 -35.48 -28.37 -7.47
CA GLN C 78 -35.83 -29.22 -8.60
C GLN C 78 -36.86 -28.52 -9.50
N GLY C 79 -36.71 -28.72 -10.80
CA GLY C 79 -37.66 -28.20 -11.78
C GLY C 79 -38.45 -29.33 -12.43
N GLU C 80 -38.77 -29.18 -13.70
CA GLU C 80 -39.64 -30.14 -14.40
C GLU C 80 -38.85 -31.31 -14.98
N LEU C 81 -38.04 -31.93 -14.14
CA LEU C 81 -37.25 -33.08 -14.53
C LEU C 81 -37.03 -33.93 -13.30
N GLY C 82 -37.22 -35.23 -13.43
CA GLY C 82 -37.24 -36.12 -12.29
C GLY C 82 -35.87 -36.62 -11.91
N ASP C 83 -35.02 -35.70 -11.47
CA ASP C 83 -33.64 -36.04 -11.11
C ASP C 83 -33.32 -35.76 -9.64
N ALA C 84 -34.33 -35.89 -8.79
CA ALA C 84 -34.16 -35.74 -7.35
C ALA C 84 -33.02 -36.61 -6.82
N TRP C 85 -32.90 -37.83 -7.33
CA TRP C 85 -31.83 -38.74 -6.93
C TRP C 85 -30.46 -38.04 -6.98
N PHE C 86 -30.27 -37.24 -8.02
CA PHE C 86 -29.04 -36.53 -8.27
C PHE C 86 -28.97 -35.26 -7.41
N LEU C 87 -30.05 -34.50 -7.39
CA LEU C 87 -30.11 -33.25 -6.64
C LEU C 87 -29.96 -33.45 -5.15
N ALA C 88 -30.52 -34.53 -4.64
CA ALA C 88 -30.38 -34.84 -3.23
C ALA C 88 -28.92 -35.03 -2.91
N ALA C 89 -28.16 -35.60 -3.85
CA ALA C 89 -26.75 -35.86 -3.66
C ALA C 89 -25.92 -34.59 -3.65
N ILE C 90 -26.26 -33.65 -4.53
CA ILE C 90 -25.60 -32.37 -4.55
C ILE C 90 -25.81 -31.65 -3.24
N ALA C 91 -27.05 -31.65 -2.77
CA ALA C 91 -27.38 -31.00 -1.51
C ALA C 91 -26.55 -31.57 -0.37
N CYS C 92 -26.38 -32.89 -0.36
CA CYS C 92 -25.59 -33.56 0.67
C CYS C 92 -24.14 -33.13 0.57
N LEU C 93 -23.65 -33.04 -0.66
CA LEU C 93 -22.29 -32.61 -0.92
C LEU C 93 -22.00 -31.24 -0.32
N THR C 94 -22.96 -30.32 -0.38
CA THR C 94 -22.75 -28.97 0.13
C THR C 94 -22.54 -28.96 1.62
N LEU C 95 -22.96 -30.02 2.32
CA LEU C 95 -22.64 -30.17 3.74
C LEU C 95 -21.15 -30.45 3.98
N ASN C 96 -20.39 -30.71 2.91
CA ASN C 96 -18.98 -30.96 3.03
C ASN C 96 -18.22 -30.12 2.02
N GLN C 97 -17.98 -28.86 2.38
CA GLN C 97 -17.49 -27.86 1.44
C GLN C 97 -16.21 -28.22 0.75
N HIS C 98 -15.28 -28.84 1.47
CA HIS C 98 -13.99 -29.08 0.84
C HIS C 98 -14.10 -30.18 -0.21
N LEU C 99 -15.00 -31.14 -0.02
CA LEU C 99 -15.34 -32.08 -1.09
C LEU C 99 -16.05 -31.39 -2.22
N LEU C 100 -16.95 -30.46 -1.88
CA LEU C 100 -17.72 -29.75 -2.88
C LEU C 100 -16.86 -29.02 -3.91
N PHE C 101 -15.76 -28.41 -3.47
CA PHE C 101 -15.01 -27.57 -4.39
C PHE C 101 -14.03 -28.33 -5.29
N ARG C 102 -13.96 -29.65 -5.13
CA ARG C 102 -13.36 -30.54 -6.13
C ARG C 102 -14.28 -30.71 -7.33
N VAL C 103 -15.59 -30.82 -7.06
CA VAL C 103 -16.57 -31.03 -8.12
C VAL C 103 -16.84 -29.73 -8.87
N ILE C 104 -16.90 -28.63 -8.13
CA ILE C 104 -17.18 -27.31 -8.68
C ILE C 104 -15.98 -26.37 -8.55
N PRO C 105 -15.31 -26.05 -9.67
CA PRO C 105 -14.21 -25.09 -9.63
C PRO C 105 -14.70 -23.67 -9.32
N HIS C 106 -14.13 -23.10 -8.26
CA HIS C 106 -14.43 -21.73 -7.79
C HIS C 106 -14.09 -20.60 -8.77
N ASP C 107 -13.05 -20.81 -9.57
CA ASP C 107 -12.51 -19.77 -10.43
C ASP C 107 -13.35 -19.54 -11.69
N GLN C 108 -14.64 -19.27 -11.51
CA GLN C 108 -15.56 -19.19 -12.64
C GLN C 108 -16.56 -18.08 -12.42
N SER C 109 -16.86 -17.34 -13.49
CA SER C 109 -17.54 -16.08 -13.34
C SER C 109 -18.24 -15.59 -14.61
N PHE C 110 -19.30 -14.82 -14.40
CA PHE C 110 -20.00 -14.09 -15.47
C PHE C 110 -19.49 -12.66 -15.65
N ILE C 111 -18.76 -12.16 -14.65
CA ILE C 111 -18.32 -10.77 -14.63
C ILE C 111 -16.84 -10.60 -14.94
N GLU C 112 -16.12 -11.70 -15.14
CA GLU C 112 -14.68 -11.64 -15.43
C GLU C 112 -14.26 -12.84 -16.28
N ASN C 113 -13.64 -12.57 -17.43
CA ASN C 113 -13.22 -13.61 -18.38
C ASN C 113 -14.37 -14.50 -18.85
N TYR C 114 -15.54 -13.90 -19.03
CA TYR C 114 -16.71 -14.64 -19.44
C TYR C 114 -16.65 -14.91 -20.94
N ALA C 115 -16.64 -16.18 -21.30
CA ALA C 115 -16.71 -16.60 -22.71
C ALA C 115 -17.80 -17.65 -22.92
N GLY C 116 -18.83 -17.61 -22.09
CA GLY C 116 -19.96 -18.54 -22.17
C GLY C 116 -19.60 -20.01 -22.05
N ILE C 117 -18.52 -20.30 -21.33
CA ILE C 117 -18.03 -21.67 -21.14
C ILE C 117 -17.75 -21.96 -19.66
N PHE C 118 -18.10 -23.15 -19.22
CA PHE C 118 -17.88 -23.57 -17.83
C PHE C 118 -17.48 -25.03 -17.79
N HIS C 119 -16.98 -25.46 -16.64
CA HIS C 119 -16.61 -26.85 -16.46
C HIS C 119 -16.77 -27.32 -15.03
N PHE C 120 -16.94 -28.64 -14.88
CA PHE C 120 -17.03 -29.27 -13.57
C PHE C 120 -16.27 -30.58 -13.60
N GLN C 121 -16.00 -31.14 -12.42
CA GLN C 121 -15.27 -32.38 -12.31
C GLN C 121 -16.08 -33.47 -11.65
N PHE C 122 -15.99 -34.68 -12.21
CA PHE C 122 -16.68 -35.85 -11.66
C PHE C 122 -15.71 -37.01 -11.56
N TRP C 123 -15.94 -37.84 -10.54
CA TRP C 123 -15.18 -39.05 -10.34
C TRP C 123 -15.75 -40.18 -11.18
N ARG C 124 -14.99 -40.59 -12.19
CA ARG C 124 -15.42 -41.58 -13.17
C ARG C 124 -14.32 -42.60 -13.50
N TYR C 125 -14.67 -43.89 -13.42
CA TYR C 125 -13.75 -44.96 -13.70
C TYR C 125 -12.44 -44.74 -12.95
N GLY C 126 -12.52 -44.38 -11.66
CA GLY C 126 -11.33 -44.31 -10.80
C GLY C 126 -10.42 -43.11 -10.97
N GLU C 127 -10.93 -42.04 -11.59
CA GLU C 127 -10.19 -40.79 -11.70
C GLU C 127 -11.12 -39.58 -11.87
N TRP C 128 -10.60 -38.39 -11.56
CA TRP C 128 -11.33 -37.13 -11.80
C TRP C 128 -11.32 -36.81 -13.28
N VAL C 129 -12.49 -36.52 -13.84
CA VAL C 129 -12.59 -36.14 -15.25
C VAL C 129 -13.29 -34.80 -15.41
N ASP C 130 -12.84 -34.03 -16.38
CA ASP C 130 -13.35 -32.69 -16.59
C ASP C 130 -14.45 -32.70 -17.63
N VAL C 131 -15.63 -32.23 -17.27
CA VAL C 131 -16.72 -32.06 -18.24
C VAL C 131 -16.84 -30.58 -18.53
N VAL C 132 -16.75 -30.24 -19.82
CA VAL C 132 -16.88 -28.86 -20.28
C VAL C 132 -18.24 -28.65 -20.93
N ILE C 133 -18.85 -27.49 -20.70
CA ILE C 133 -20.15 -27.16 -21.31
C ILE C 133 -20.23 -25.71 -21.73
N ASP C 134 -21.11 -25.42 -22.68
CA ASP C 134 -21.53 -24.05 -22.93
C ASP C 134 -22.60 -23.72 -21.88
N ASP C 135 -22.81 -22.44 -21.62
CA ASP C 135 -23.75 -22.04 -20.58
C ASP C 135 -25.20 -21.82 -21.06
N CYS C 136 -25.56 -22.34 -22.23
CA CYS C 136 -26.95 -22.30 -22.69
C CYS C 136 -27.79 -23.23 -21.86
N LEU C 137 -28.94 -22.74 -21.39
CA LEU C 137 -29.81 -23.53 -20.54
C LEU C 137 -31.23 -23.47 -21.06
N PRO C 138 -31.97 -24.58 -20.94
CA PRO C 138 -33.37 -24.60 -21.33
C PRO C 138 -34.19 -23.65 -20.50
N THR C 139 -35.02 -22.87 -21.17
CA THR C 139 -35.92 -21.95 -20.49
C THR C 139 -37.33 -21.99 -21.09
N TYR C 140 -38.28 -21.45 -20.35
CA TYR C 140 -39.62 -21.19 -20.84
C TYR C 140 -40.15 -19.92 -20.17
N ASN C 141 -40.63 -18.99 -20.98
CA ASN C 141 -40.89 -17.63 -20.54
C ASN C 141 -39.70 -17.00 -19.82
N ASN C 142 -38.50 -17.21 -20.34
CA ASN C 142 -37.29 -16.63 -19.78
C ASN C 142 -36.98 -17.08 -18.34
N GLN C 143 -37.37 -18.31 -18.01
CA GLN C 143 -37.10 -18.88 -16.71
C GLN C 143 -36.63 -20.32 -16.85
N LEU C 144 -35.74 -20.75 -15.97
CA LEU C 144 -35.21 -22.09 -16.03
C LEU C 144 -36.33 -23.07 -15.74
N VAL C 145 -36.37 -24.16 -16.51
CA VAL C 145 -37.43 -25.14 -16.35
C VAL C 145 -36.93 -26.31 -15.55
N PHE C 146 -35.64 -26.56 -15.69
CA PHE C 146 -34.90 -27.57 -14.95
C PHE C 146 -34.41 -26.95 -13.65
N THR C 147 -33.51 -27.63 -12.95
CA THR C 147 -33.09 -27.19 -11.63
C THR C 147 -32.47 -25.80 -11.64
N LYS C 148 -32.86 -25.03 -10.62
CA LYS C 148 -32.46 -23.65 -10.41
C LYS C 148 -32.12 -23.42 -8.93
N SER C 149 -31.67 -22.22 -8.59
CA SER C 149 -31.50 -21.83 -7.20
C SER C 149 -32.65 -20.97 -6.69
N ASN C 150 -32.84 -21.02 -5.38
CA ASN C 150 -33.63 -20.05 -4.66
C ASN C 150 -33.44 -18.61 -5.11
N HIS C 151 -32.20 -18.27 -5.44
CA HIS C 151 -31.83 -16.93 -5.84
C HIS C 151 -31.89 -16.89 -7.36
N ARG C 152 -32.75 -16.04 -7.89
CA ARG C 152 -32.99 -15.99 -9.34
C ARG C 152 -31.73 -15.74 -10.19
N ASN C 153 -30.71 -15.11 -9.61
CA ASN C 153 -29.45 -14.79 -10.28
C ASN C 153 -28.29 -15.80 -10.15
N GLU C 154 -28.47 -16.85 -9.35
CA GLU C 154 -27.39 -17.82 -9.08
C GLU C 154 -27.53 -18.97 -10.07
N PHE C 155 -26.43 -19.35 -10.72
CA PHE C 155 -26.49 -20.37 -11.79
C PHE C 155 -25.60 -21.61 -11.67
N TRP C 156 -24.79 -21.73 -10.61
CA TRP C 156 -23.92 -22.90 -10.49
C TRP C 156 -24.67 -24.24 -10.54
N SER C 157 -25.80 -24.32 -9.83
CA SER C 157 -26.51 -25.60 -9.75
C SER C 157 -27.15 -26.00 -11.08
N ALA C 158 -27.72 -25.03 -11.79
CA ALA C 158 -28.29 -25.29 -13.11
C ALA C 158 -27.24 -25.77 -14.09
N LEU C 159 -26.07 -25.15 -14.01
CA LEU C 159 -24.95 -25.52 -14.87
C LEU C 159 -24.38 -26.89 -14.51
N LEU C 160 -24.29 -27.19 -13.22
CA LEU C 160 -23.79 -28.49 -12.77
C LEU C 160 -24.69 -29.60 -13.30
N GLU C 161 -25.99 -29.38 -13.17
CA GLU C 161 -26.97 -30.29 -13.73
C GLU C 161 -26.76 -30.47 -15.25
N LYS C 162 -26.56 -29.38 -15.97
CA LYS C 162 -26.32 -29.51 -17.38
C LYS C 162 -25.10 -30.39 -17.63
N ALA C 163 -24.03 -30.17 -16.86
CA ALA C 163 -22.81 -30.92 -17.06
C ALA C 163 -23.04 -32.39 -16.80
N TYR C 164 -23.86 -32.69 -15.80
CA TYR C 164 -24.15 -34.08 -15.47
C TYR C 164 -24.98 -34.69 -16.57
N ALA C 165 -25.92 -33.92 -17.11
CA ALA C 165 -26.72 -34.37 -18.25
C ALA C 165 -25.81 -34.75 -19.41
N LYS C 166 -24.88 -33.87 -19.74
CA LYS C 166 -23.92 -34.15 -20.82
C LYS C 166 -23.18 -35.45 -20.60
N LEU C 167 -22.81 -35.71 -19.35
CA LEU C 167 -22.07 -36.91 -19.01
C LEU C 167 -22.92 -38.16 -19.29
N HIS C 168 -24.22 -38.03 -19.15
CA HIS C 168 -25.18 -39.10 -19.42
C HIS C 168 -25.81 -39.04 -20.81
N GLY C 169 -25.41 -38.07 -21.62
CA GLY C 169 -25.86 -37.98 -23.01
C GLY C 169 -27.07 -37.07 -23.26
N SER C 170 -27.93 -36.89 -22.26
CA SER C 170 -29.09 -36.01 -22.42
C SER C 170 -29.71 -35.66 -21.08
N TYR C 171 -30.54 -34.63 -21.06
CA TYR C 171 -31.29 -34.29 -19.85
C TYR C 171 -32.24 -35.43 -19.48
N GLU C 172 -32.89 -36.01 -20.49
CA GLU C 172 -33.83 -37.11 -20.26
C GLU C 172 -33.12 -38.28 -19.59
N ALA C 173 -31.84 -38.46 -19.89
CA ALA C 173 -31.06 -39.55 -19.29
C ALA C 173 -30.94 -39.47 -17.76
N LEU C 174 -31.23 -38.30 -17.21
CA LEU C 174 -31.22 -38.08 -15.76
C LEU C 174 -32.54 -38.43 -15.07
N LYS C 175 -33.57 -38.71 -15.85
CA LYS C 175 -34.85 -39.17 -15.30
C LYS C 175 -34.62 -40.52 -14.68
N GLY C 176 -34.91 -40.65 -13.39
CA GLY C 176 -34.68 -41.92 -12.70
C GLY C 176 -33.20 -42.28 -12.61
N GLY C 177 -32.81 -42.78 -11.45
CA GLY C 177 -31.41 -43.11 -11.17
C GLY C 177 -31.27 -43.35 -9.69
N ASN C 178 -30.09 -43.72 -9.23
CA ASN C 178 -29.87 -43.93 -7.80
C ASN C 178 -28.98 -42.88 -7.17
N THR C 179 -29.39 -42.38 -6.01
CA THR C 179 -28.65 -41.34 -5.31
C THR C 179 -27.18 -41.74 -5.10
N THR C 180 -26.93 -43.00 -4.82
CA THR C 180 -25.56 -43.47 -4.56
C THR C 180 -24.67 -43.34 -5.80
N GLU C 181 -25.26 -43.50 -6.97
CA GLU C 181 -24.51 -43.32 -8.22
C GLU C 181 -23.89 -41.93 -8.23
N ALA C 182 -24.71 -40.92 -7.92
CA ALA C 182 -24.27 -39.53 -7.93
C ALA C 182 -23.30 -39.22 -6.77
N MET C 183 -23.59 -39.75 -5.59
CA MET C 183 -22.71 -39.58 -4.45
C MET C 183 -21.30 -40.05 -4.80
N GLU C 184 -21.20 -41.19 -5.47
CA GLU C 184 -19.90 -41.75 -5.88
C GLU C 184 -19.24 -40.90 -6.95
N ASP C 185 -20.03 -40.38 -7.88
CA ASP C 185 -19.53 -39.50 -8.92
C ASP C 185 -19.00 -38.16 -8.35
N PHE C 186 -19.46 -37.77 -7.17
CA PHE C 186 -18.98 -36.55 -6.54
C PHE C 186 -17.82 -36.76 -5.56
N THR C 187 -17.61 -37.99 -5.13
CA THR C 187 -16.67 -38.21 -4.02
C THR C 187 -15.66 -39.33 -4.24
N GLY C 188 -15.96 -40.28 -5.12
CA GLY C 188 -15.17 -41.51 -5.23
C GLY C 188 -15.22 -42.35 -3.96
N GLY C 189 -16.32 -42.24 -3.23
CA GLY C 189 -16.51 -43.01 -2.01
C GLY C 189 -17.20 -44.32 -2.28
N VAL C 190 -17.47 -45.06 -1.20
CA VAL C 190 -18.10 -46.37 -1.30
C VAL C 190 -19.49 -46.32 -0.69
N ALA C 191 -20.46 -46.74 -1.50
CA ALA C 191 -21.87 -46.81 -1.10
C ALA C 191 -22.14 -47.96 -0.13
N GLU C 192 -23.04 -47.70 0.80
CA GLU C 192 -23.48 -48.67 1.79
C GLU C 192 -25.00 -48.49 1.94
N PHE C 193 -25.76 -49.59 1.81
CA PHE C 193 -27.23 -49.53 1.83
C PHE C 193 -27.80 -50.09 3.11
N PHE C 194 -28.92 -49.53 3.50
CA PHE C 194 -29.62 -50.00 4.67
C PHE C 194 -31.09 -50.06 4.34
N GLU C 195 -31.68 -51.23 4.60
CA GLU C 195 -33.12 -51.36 4.64
C GLU C 195 -33.52 -51.00 6.05
N ILE C 196 -34.33 -49.95 6.20
CA ILE C 196 -34.65 -49.38 7.52
C ILE C 196 -35.46 -50.35 8.40
N ARG C 197 -36.11 -51.34 7.79
CA ARG C 197 -36.79 -52.40 8.54
C ARG C 197 -35.78 -53.32 9.25
N ASP C 198 -34.66 -53.60 8.58
CA ASP C 198 -33.57 -54.39 9.16
C ASP C 198 -32.60 -53.55 9.99
N ALA C 199 -32.92 -52.28 10.19
CA ALA C 199 -32.02 -51.33 10.84
C ALA C 199 -31.53 -51.88 12.16
N PRO C 200 -30.20 -51.82 12.42
CA PRO C 200 -29.75 -52.17 13.75
C PRO C 200 -30.34 -51.27 14.83
N SER C 201 -30.19 -51.69 16.08
CA SER C 201 -30.63 -50.91 17.25
C SER C 201 -29.90 -49.54 17.30
N ASP C 202 -28.64 -49.53 16.93
CA ASP C 202 -27.78 -48.35 17.04
C ASP C 202 -27.68 -47.51 15.75
N MET C 203 -28.70 -47.54 14.88
CA MET C 203 -28.55 -46.89 13.58
C MET C 203 -28.53 -45.37 13.65
N TYR C 204 -29.29 -44.80 14.57
CA TYR C 204 -29.14 -43.39 14.90
C TYR C 204 -27.66 -43.04 15.09
N LYS C 205 -26.95 -43.85 15.87
CA LYS C 205 -25.51 -43.63 16.12
C LYS C 205 -24.69 -43.78 14.85
N ILE C 206 -24.99 -44.81 14.06
CA ILE C 206 -24.30 -45.04 12.80
C ILE C 206 -24.41 -43.82 11.88
N MET C 207 -25.62 -43.26 11.82
CA MET C 207 -25.92 -42.08 11.02
C MET C 207 -25.26 -40.83 11.59
N LYS C 208 -25.32 -40.69 12.90
CA LYS C 208 -24.69 -39.58 13.61
C LYS C 208 -23.18 -39.55 13.31
N LYS C 209 -22.51 -40.68 13.41
CA LYS C 209 -21.07 -40.73 13.13
C LYS C 209 -20.77 -40.44 11.66
N ALA C 210 -21.68 -40.87 10.79
CA ALA C 210 -21.52 -40.68 9.35
C ALA C 210 -21.62 -39.21 8.95
N ILE C 211 -22.58 -38.49 9.52
CA ILE C 211 -22.77 -37.08 9.20
C ILE C 211 -21.62 -36.22 9.74
N GLU C 212 -21.16 -36.54 10.95
CA GLU C 212 -19.98 -35.88 11.57
C GLU C 212 -18.64 -36.16 10.86
N ARG C 213 -18.56 -37.28 10.16
CA ARG C 213 -17.38 -37.66 9.40
C ARG C 213 -17.39 -37.01 7.99
N GLY C 214 -18.51 -36.40 7.60
CA GLY C 214 -18.63 -35.77 6.28
C GLY C 214 -19.21 -36.66 5.20
N SER C 215 -19.68 -37.85 5.60
CA SER C 215 -20.28 -38.79 4.66
C SER C 215 -21.63 -38.26 4.22
N LEU C 216 -21.96 -38.55 2.97
CA LEU C 216 -23.20 -38.11 2.35
C LEU C 216 -24.31 -39.14 2.63
N MET C 217 -25.52 -38.68 2.99
CA MET C 217 -26.63 -39.57 3.33
C MET C 217 -27.92 -39.19 2.62
N GLY C 218 -28.52 -40.15 1.94
CA GLY C 218 -29.85 -39.98 1.36
C GLY C 218 -30.81 -40.97 1.96
N CYS C 219 -32.10 -40.74 1.75
CA CYS C 219 -33.12 -41.72 2.09
C CYS C 219 -34.38 -41.59 1.23
N SER C 220 -35.16 -42.65 1.16
CA SER C 220 -36.41 -42.63 0.39
C SER C 220 -37.45 -43.60 0.95
N ILE C 221 -38.67 -43.43 0.45
CA ILE C 221 -39.78 -44.32 0.72
C ILE C 221 -39.99 -45.10 -0.57
N ASP C 222 -39.90 -46.43 -0.49
CA ASP C 222 -40.02 -47.30 -1.70
C ASP C 222 -41.33 -47.13 -2.50
N ASP C 223 -41.22 -46.97 -3.82
CA ASP C 223 -42.39 -46.81 -4.72
C ASP C 223 -42.70 -48.08 -5.57
N GLY C 224 -41.81 -49.07 -5.59
CA GLY C 224 -41.96 -50.30 -6.37
C GLY C 224 -40.76 -50.45 -7.30
N THR C 225 -40.63 -49.54 -8.28
CA THR C 225 -39.41 -49.40 -9.08
C THR C 225 -38.25 -48.93 -8.18
N ASN C 226 -37.15 -49.69 -8.13
CA ASN C 226 -36.00 -49.36 -7.25
C ASN C 226 -35.10 -48.25 -7.81
N MET C 227 -35.68 -47.04 -7.88
CA MET C 227 -34.97 -45.80 -8.19
C MET C 227 -35.58 -44.69 -7.31
N THR C 228 -34.79 -43.64 -7.08
CA THR C 228 -35.04 -42.66 -6.04
C THR C 228 -35.08 -41.24 -6.62
N GLU C 278 -47.96 -33.61 -5.54
CA GLU C 278 -47.75 -34.49 -6.69
C GLU C 278 -47.95 -35.95 -6.24
N THR C 279 -46.89 -36.67 -5.86
CA THR C 279 -46.98 -37.94 -5.09
C THR C 279 -47.10 -37.71 -3.55
N ARG C 280 -47.32 -36.45 -3.18
CA ARG C 280 -47.53 -36.01 -1.78
C ARG C 280 -48.51 -36.91 -0.95
N MET C 281 -48.01 -37.28 0.22
CA MET C 281 -48.74 -37.97 1.29
C MET C 281 -49.36 -36.94 2.24
N ALA C 282 -50.29 -37.40 3.06
CA ALA C 282 -51.00 -36.55 4.02
C ALA C 282 -50.06 -35.96 5.06
N CYS C 283 -49.07 -36.75 5.48
CA CYS C 283 -48.05 -36.31 6.45
C CYS C 283 -46.99 -35.35 5.88
N GLY C 284 -47.01 -35.14 4.57
CA GLY C 284 -46.14 -34.15 3.92
C GLY C 284 -44.91 -34.73 3.25
N LEU C 285 -44.80 -36.06 3.31
CA LEU C 285 -43.67 -36.74 2.67
C LEU C 285 -44.03 -37.14 1.26
N VAL C 286 -43.01 -37.49 0.49
CA VAL C 286 -43.21 -37.89 -0.89
C VAL C 286 -42.64 -39.29 -1.09
N ARG C 287 -43.42 -40.13 -1.75
CA ARG C 287 -43.04 -41.50 -2.02
C ARG C 287 -42.18 -41.56 -3.27
N GLY C 288 -41.22 -42.48 -3.26
CA GLY C 288 -40.35 -42.73 -4.40
C GLY C 288 -39.53 -41.52 -4.75
N HIS C 289 -39.11 -40.80 -3.71
CA HIS C 289 -38.50 -39.51 -3.84
C HIS C 289 -37.28 -39.45 -2.93
N ALA C 290 -36.16 -39.04 -3.50
CA ALA C 290 -34.89 -38.91 -2.77
C ALA C 290 -34.91 -37.71 -1.85
N TYR C 291 -34.54 -37.92 -0.59
CA TYR C 291 -34.40 -36.85 0.39
C TYR C 291 -32.95 -36.82 0.83
N SER C 292 -32.46 -35.65 1.22
CA SER C 292 -31.12 -35.52 1.76
C SER C 292 -31.20 -35.54 3.25
N VAL C 293 -30.34 -36.32 3.90
CA VAL C 293 -30.21 -36.24 5.36
C VAL C 293 -29.19 -35.17 5.67
N THR C 294 -29.63 -34.12 6.34
CA THR C 294 -28.77 -32.96 6.58
C THR C 294 -28.49 -32.68 8.04
N GLY C 295 -29.04 -33.49 8.95
CA GLY C 295 -28.77 -33.29 10.36
C GLY C 295 -29.33 -34.37 11.24
N LEU C 296 -28.68 -34.57 12.38
CA LEU C 296 -29.09 -35.54 13.39
C LEU C 296 -28.77 -35.00 14.75
N ASP C 297 -29.75 -35.02 15.65
CA ASP C 297 -29.50 -34.45 16.95
C ASP C 297 -30.44 -34.97 18.02
N GLU C 298 -30.13 -34.62 19.27
CA GLU C 298 -30.94 -34.96 20.43
C GLU C 298 -31.35 -33.68 21.11
N VAL C 299 -32.63 -33.59 21.48
CA VAL C 299 -33.15 -32.39 22.11
C VAL C 299 -33.87 -32.75 23.42
N PRO C 300 -33.68 -31.93 24.48
CA PRO C 300 -34.47 -32.09 25.69
C PRO C 300 -35.89 -31.59 25.45
N PHE C 301 -36.87 -32.43 25.74
CA PHE C 301 -38.26 -32.10 25.59
C PHE C 301 -39.06 -32.77 26.69
N LYS C 302 -39.58 -31.97 27.62
CA LYS C 302 -40.40 -32.46 28.73
C LYS C 302 -39.71 -33.55 29.54
N GLY C 303 -38.48 -33.29 29.95
CA GLY C 303 -37.75 -34.19 30.85
C GLY C 303 -36.77 -35.10 30.16
N GLU C 304 -37.24 -35.88 29.19
CA GLU C 304 -36.38 -36.84 28.47
C GLU C 304 -35.76 -36.23 27.19
N LYS C 305 -34.75 -36.91 26.67
CA LYS C 305 -34.06 -36.52 25.44
C LYS C 305 -34.70 -37.20 24.22
N VAL C 306 -35.03 -36.41 23.21
CA VAL C 306 -35.68 -36.91 21.99
C VAL C 306 -34.73 -36.88 20.79
N LYS C 307 -34.53 -38.04 20.16
CA LYS C 307 -33.70 -38.16 18.96
C LYS C 307 -34.41 -37.60 17.72
N LEU C 308 -33.74 -36.70 17.01
CA LEU C 308 -34.29 -36.06 15.81
C LEU C 308 -33.46 -36.30 14.56
N VAL C 309 -34.14 -36.28 13.42
CA VAL C 309 -33.52 -36.35 12.09
C VAL C 309 -33.95 -35.17 11.25
N ARG C 310 -32.98 -34.49 10.64
CA ARG C 310 -33.28 -33.39 9.71
C ARG C 310 -33.11 -33.84 8.27
N LEU C 311 -34.12 -33.55 7.47
CA LEU C 311 -34.14 -33.95 6.07
C LEU C 311 -34.40 -32.75 5.19
N ARG C 312 -34.00 -32.84 3.93
CA ARG C 312 -34.33 -31.82 2.95
C ARG C 312 -34.87 -32.42 1.67
N ASN C 313 -36.07 -31.99 1.30
CA ASN C 313 -36.69 -32.35 0.04
C ASN C 313 -36.08 -31.51 -1.06
N PRO C 314 -35.47 -32.15 -2.06
CA PRO C 314 -34.82 -31.36 -3.12
C PRO C 314 -35.76 -30.52 -3.98
N TRP C 315 -37.07 -30.58 -3.73
CA TRP C 315 -38.01 -29.62 -4.34
C TRP C 315 -37.82 -28.23 -3.77
N GLY C 316 -37.29 -28.15 -2.56
CA GLY C 316 -37.16 -26.87 -1.85
C GLY C 316 -38.48 -26.43 -1.27
N GLN C 317 -39.46 -27.33 -1.26
CA GLN C 317 -40.83 -26.96 -0.85
C GLN C 317 -41.59 -27.73 0.20
N VAL C 318 -42.13 -28.84 -0.21
CA VAL C 318 -43.12 -29.63 0.53
C VAL C 318 -42.49 -30.34 1.74
N GLU C 319 -42.80 -29.85 2.94
CA GLU C 319 -42.17 -30.36 4.16
C GLU C 319 -43.12 -31.33 4.90
N TRP C 320 -42.54 -32.10 5.81
CA TRP C 320 -43.27 -32.93 6.79
C TRP C 320 -44.05 -32.00 7.68
N ASN C 321 -45.25 -32.45 8.06
CA ASN C 321 -46.18 -31.65 8.89
C ASN C 321 -46.46 -32.27 10.26
N GLY C 322 -45.82 -33.40 10.55
CA GLY C 322 -45.97 -34.05 11.87
C GLY C 322 -45.22 -33.34 12.97
N SER C 323 -44.90 -34.07 14.04
CA SER C 323 -44.21 -33.48 15.18
C SER C 323 -42.79 -33.08 14.80
N TRP C 324 -42.39 -31.89 15.23
CA TRP C 324 -41.07 -31.30 14.96
C TRP C 324 -41.01 -30.60 13.61
N SER C 325 -42.11 -30.68 12.86
CA SER C 325 -42.27 -29.86 11.68
C SER C 325 -42.14 -28.40 12.07
N ASP C 326 -42.02 -27.54 11.08
CA ASP C 326 -41.74 -26.14 11.31
C ASP C 326 -42.82 -25.50 12.19
N ARG C 327 -44.08 -25.71 11.81
CA ARG C 327 -45.23 -25.04 12.44
C ARG C 327 -45.82 -25.79 13.63
N TRP C 328 -45.13 -26.83 14.07
CA TRP C 328 -45.50 -27.58 15.27
C TRP C 328 -45.46 -26.68 16.50
N LYS C 329 -46.56 -26.66 17.26
CA LYS C 329 -46.72 -25.71 18.36
C LYS C 329 -45.81 -26.02 19.55
N ASP C 330 -45.59 -27.32 19.79
CA ASP C 330 -44.79 -27.77 20.93
C ASP C 330 -43.29 -27.48 20.78
N TRP C 331 -42.91 -26.81 19.68
CA TRP C 331 -41.62 -26.11 19.61
C TRP C 331 -41.51 -25.04 20.73
N SER C 332 -42.65 -24.48 21.13
CA SER C 332 -42.70 -23.52 22.25
C SER C 332 -42.11 -24.07 23.55
N PHE C 333 -42.29 -25.38 23.79
CA PHE C 333 -41.74 -26.06 24.96
C PHE C 333 -40.22 -26.28 24.88
N VAL C 334 -39.62 -25.96 23.73
CA VAL C 334 -38.16 -26.11 23.56
C VAL C 334 -37.44 -24.81 23.91
N ASP C 335 -36.29 -24.98 24.54
CA ASP C 335 -35.42 -23.87 24.99
C ASP C 335 -34.95 -23.02 23.81
N LYS C 336 -34.76 -21.73 24.03
CA LYS C 336 -34.41 -20.78 22.97
C LYS C 336 -33.00 -20.96 22.41
N ASP C 337 -32.04 -21.32 23.27
CA ASP C 337 -30.68 -21.62 22.82
C ASP C 337 -30.63 -22.91 21.98
N GLU C 338 -31.38 -23.92 22.43
CA GLU C 338 -31.45 -25.23 21.77
C GLU C 338 -32.05 -25.10 20.36
N LYS C 339 -33.08 -24.26 20.22
CA LYS C 339 -33.63 -23.93 18.90
C LYS C 339 -32.54 -23.38 17.98
N ALA C 340 -31.68 -22.53 18.51
CA ALA C 340 -30.61 -21.92 17.72
C ALA C 340 -29.56 -22.96 17.30
N ARG C 341 -29.23 -23.85 18.21
CA ARG C 341 -28.29 -24.94 17.91
C ARG C 341 -28.82 -25.85 16.80
N LEU C 342 -30.14 -26.05 16.79
CA LEU C 342 -30.80 -26.86 15.78
C LEU C 342 -31.09 -26.08 14.49
N GLN C 343 -30.78 -24.78 14.49
CA GLN C 343 -31.05 -23.90 13.35
C GLN C 343 -32.52 -23.93 12.92
N HIS C 344 -33.42 -24.05 13.90
CA HIS C 344 -34.85 -24.17 13.64
C HIS C 344 -35.42 -22.86 13.09
N GLN C 345 -35.96 -22.91 11.89
CA GLN C 345 -36.64 -21.77 11.28
C GLN C 345 -37.98 -22.23 10.73
N VAL C 346 -38.95 -21.33 10.76
CA VAL C 346 -40.23 -21.57 10.08
C VAL C 346 -40.10 -21.03 8.66
N THR C 347 -39.66 -21.89 7.74
CA THR C 347 -39.49 -21.52 6.35
C THR C 347 -39.89 -22.66 5.44
N GLU C 348 -40.65 -22.36 4.40
CA GLU C 348 -40.96 -23.36 3.38
C GLU C 348 -39.76 -23.46 2.42
N ASP C 349 -38.75 -24.21 2.85
CA ASP C 349 -37.50 -24.39 2.09
C ASP C 349 -37.22 -25.85 1.75
N GLY C 350 -38.13 -26.75 2.10
CA GLY C 350 -37.94 -28.18 1.84
C GLY C 350 -37.25 -28.90 2.98
N GLU C 351 -36.81 -28.15 3.99
CA GLU C 351 -36.06 -28.73 5.08
C GLU C 351 -36.84 -28.73 6.39
N PHE C 352 -36.71 -29.81 7.14
CA PHE C 352 -37.50 -30.00 8.34
C PHE C 352 -36.86 -31.02 9.25
N TRP C 353 -37.16 -30.88 10.54
CA TRP C 353 -36.86 -31.89 11.53
C TRP C 353 -38.05 -32.83 11.65
N MET C 354 -37.75 -34.09 11.89
CA MET C 354 -38.74 -35.07 12.32
C MET C 354 -38.09 -35.95 13.39
N SER C 355 -38.92 -36.69 14.12
CA SER C 355 -38.41 -37.56 15.18
C SER C 355 -37.78 -38.78 14.54
N TYR C 356 -36.69 -39.26 15.14
CA TYR C 356 -36.04 -40.48 14.68
C TYR C 356 -37.05 -41.61 14.57
N GLU C 357 -37.95 -41.70 15.56
CA GLU C 357 -39.00 -42.70 15.61
C GLU C 357 -39.91 -42.66 14.35
N ASP C 358 -40.47 -41.49 14.06
CA ASP C 358 -41.28 -41.31 12.84
C ASP C 358 -40.46 -41.55 11.57
N PHE C 359 -39.18 -41.20 11.61
CA PHE C 359 -38.30 -41.40 10.47
C PHE C 359 -38.19 -42.90 10.14
N ILE C 360 -37.83 -43.72 11.13
CA ILE C 360 -37.69 -45.17 10.90
C ILE C 360 -39.02 -45.82 10.51
N TYR C 361 -40.12 -45.22 10.97
CA TYR C 361 -41.47 -45.69 10.64
C TYR C 361 -41.87 -45.45 9.19
N HIS C 362 -41.46 -44.33 8.61
CA HIS C 362 -41.88 -43.95 7.26
C HIS C 362 -40.87 -44.30 6.17
N PHE C 363 -39.59 -44.06 6.43
CA PHE C 363 -38.57 -44.27 5.40
C PHE C 363 -38.12 -45.71 5.37
N THR C 364 -37.75 -46.17 4.18
CA THR C 364 -37.47 -47.59 3.95
C THR C 364 -36.03 -47.83 3.52
N LYS C 365 -35.53 -46.99 2.64
CA LYS C 365 -34.15 -47.07 2.18
C LYS C 365 -33.30 -45.93 2.75
N LEU C 366 -32.10 -46.26 3.23
CA LEU C 366 -31.10 -45.28 3.65
C LEU C 366 -29.80 -45.58 2.96
N GLU C 367 -29.25 -44.59 2.29
CA GLU C 367 -28.05 -44.77 1.47
C GLU C 367 -26.93 -43.89 1.99
N ILE C 368 -25.83 -44.48 2.43
CA ILE C 368 -24.68 -43.74 2.94
C ILE C 368 -23.49 -43.92 2.01
N CYS C 369 -22.89 -42.82 1.59
CA CYS C 369 -21.66 -42.87 0.79
C CYS C 369 -20.48 -42.51 1.65
N ASN C 370 -19.68 -43.51 2.00
CA ASN C 370 -18.55 -43.32 2.89
C ASN C 370 -17.29 -42.95 2.13
N LEU C 371 -16.51 -42.01 2.66
CA LEU C 371 -15.27 -41.58 2.03
C LEU C 371 -14.03 -42.26 2.60
N THR C 372 -13.23 -42.82 1.70
CA THR C 372 -11.83 -43.13 1.96
C THR C 372 -10.92 -42.54 0.85
N ALA C 373 -11.45 -42.40 -0.36
CA ALA C 373 -10.72 -41.89 -1.52
C ALA C 373 -11.27 -40.51 -1.94
N GLU D 13 12.93 -20.08 3.45
CA GLU D 13 11.59 -20.01 2.78
C GLU D 13 11.15 -21.38 2.25
N LYS D 14 10.46 -22.15 3.10
CA LYS D 14 9.73 -23.33 2.64
C LYS D 14 8.24 -23.00 2.38
N THR D 15 7.69 -23.58 1.31
CA THR D 15 6.31 -23.32 0.90
C THR D 15 5.29 -24.07 1.75
N PHE D 16 4.02 -23.73 1.57
CA PHE D 16 2.92 -24.42 2.24
C PHE D 16 2.95 -25.90 1.93
N GLU D 17 3.06 -26.24 0.64
CA GLU D 17 3.06 -27.63 0.20
C GLU D 17 4.11 -28.43 0.95
N GLN D 18 5.34 -27.92 0.91
CA GLN D 18 6.48 -28.53 1.58
C GLN D 18 6.22 -28.77 3.06
N LEU D 19 5.91 -27.72 3.79
CA LEU D 19 5.68 -27.85 5.20
C LEU D 19 4.51 -28.74 5.51
N HIS D 20 3.48 -28.66 4.73
CA HIS D 20 2.29 -29.48 4.95
C HIS D 20 2.64 -30.95 4.80
N LYS D 21 3.26 -31.27 3.66
CA LYS D 21 3.69 -32.63 3.33
C LYS D 21 4.61 -33.22 4.40
N LYS D 22 5.54 -32.41 4.88
CA LYS D 22 6.45 -32.80 5.95
C LYS D 22 5.70 -33.17 7.24
N CYS D 23 4.86 -32.28 7.72
CA CYS D 23 4.12 -32.51 8.95
C CYS D 23 3.26 -33.74 8.90
N LEU D 24 2.71 -34.03 7.75
CA LEU D 24 1.88 -35.23 7.57
C LEU D 24 2.71 -36.50 7.74
N GLU D 25 3.88 -36.52 7.11
CA GLU D 25 4.80 -37.66 7.21
C GLU D 25 5.30 -37.86 8.64
N LYS D 26 5.72 -36.77 9.30
CA LYS D 26 6.17 -36.86 10.69
C LYS D 26 5.03 -37.19 11.64
N LYS D 27 3.78 -37.01 11.21
CA LYS D 27 2.59 -37.15 12.05
C LYS D 27 2.63 -36.18 13.24
N VAL D 28 2.90 -34.92 12.96
CA VAL D 28 2.92 -33.91 13.98
C VAL D 28 2.20 -32.67 13.48
N LEU D 29 1.70 -31.83 14.37
CA LEU D 29 1.01 -30.63 13.96
C LEU D 29 1.97 -29.48 13.90
N TYR D 30 1.89 -28.68 12.84
CA TYR D 30 2.78 -27.58 12.63
C TYR D 30 2.73 -26.52 13.71
N VAL D 31 3.87 -25.91 14.00
CA VAL D 31 3.94 -24.82 14.95
C VAL D 31 4.76 -23.79 14.23
N ASP D 32 4.18 -22.63 14.02
CA ASP D 32 4.83 -21.57 13.31
C ASP D 32 5.87 -20.89 14.14
N PRO D 33 7.11 -20.91 13.68
CA PRO D 33 8.27 -20.33 14.31
C PRO D 33 8.32 -18.84 14.12
N GLU D 34 7.83 -18.36 12.98
CA GLU D 34 7.84 -16.95 12.71
C GLU D 34 6.72 -16.23 13.38
N PHE D 35 5.67 -16.96 13.72
CA PHE D 35 4.49 -16.35 14.37
C PHE D 35 3.90 -17.32 15.40
N PRO D 36 4.64 -17.55 16.50
CA PRO D 36 4.32 -18.60 17.47
C PRO D 36 3.14 -18.28 18.36
N PRO D 37 2.52 -19.31 18.94
CA PRO D 37 1.36 -19.15 19.80
C PRO D 37 1.71 -18.68 21.19
N ASP D 38 2.18 -17.43 21.28
CA ASP D 38 2.55 -16.82 22.55
C ASP D 38 2.34 -15.31 22.47
N GLU D 39 2.69 -14.60 23.55
CA GLU D 39 2.41 -13.17 23.66
C GLU D 39 3.13 -12.27 22.66
N THR D 40 4.17 -12.76 22.00
CA THR D 40 4.87 -11.97 20.97
C THR D 40 3.99 -11.76 19.74
N SER D 41 3.16 -12.76 19.43
CA SER D 41 2.26 -12.69 18.30
C SER D 41 0.99 -11.89 18.60
N LEU D 42 0.66 -11.74 19.88
CA LEU D 42 -0.52 -10.97 20.28
C LEU D 42 -0.26 -9.47 20.25
N PHE D 43 0.74 -9.03 21.02
CA PHE D 43 1.00 -7.60 21.21
C PHE D 43 2.49 -7.25 21.10
N TYR D 44 2.76 -6.00 20.77
CA TYR D 44 4.13 -5.49 20.72
C TYR D 44 4.38 -4.41 21.80
N SER D 45 3.36 -3.64 22.15
CA SER D 45 3.45 -2.63 23.21
C SER D 45 2.36 -2.77 24.26
N GLN D 46 1.13 -2.42 23.90
CA GLN D 46 -0.02 -2.48 24.81
C GLN D 46 -0.44 -3.93 24.97
N LYS D 47 -0.31 -4.40 26.20
CA LYS D 47 -0.42 -5.78 26.54
C LYS D 47 -1.88 -6.05 26.83
N PHE D 48 -2.29 -7.29 26.61
CA PHE D 48 -3.67 -7.71 26.86
C PHE D 48 -3.74 -8.14 28.33
N PRO D 49 -4.40 -7.34 29.20
CA PRO D 49 -4.41 -7.69 30.64
C PRO D 49 -5.10 -9.05 30.97
N ILE D 50 -6.07 -9.46 30.16
CA ILE D 50 -6.65 -10.83 30.29
C ILE D 50 -5.78 -11.72 29.47
N GLN D 51 -5.17 -12.71 30.11
CA GLN D 51 -4.27 -13.59 29.40
C GLN D 51 -5.02 -14.70 28.70
N PHE D 52 -4.64 -14.92 27.45
CA PHE D 52 -5.34 -15.84 26.58
C PHE D 52 -4.59 -17.15 26.50
N VAL D 53 -5.36 -18.23 26.38
CA VAL D 53 -4.83 -19.55 26.09
C VAL D 53 -4.95 -19.80 24.59
N TRP D 54 -3.85 -20.24 23.96
CA TRP D 54 -3.89 -20.62 22.55
C TRP D 54 -4.36 -22.06 22.39
N LYS D 55 -5.36 -22.26 21.53
CA LYS D 55 -5.92 -23.58 21.25
C LYS D 55 -6.22 -23.76 19.77
N ARG D 56 -6.18 -25.00 19.31
CA ARG D 56 -6.48 -25.35 17.94
C ARG D 56 -7.94 -25.69 17.85
N PRO D 57 -8.54 -25.56 16.67
CA PRO D 57 -10.00 -25.77 16.61
C PRO D 57 -10.51 -27.16 17.02
N PRO D 58 -9.72 -28.21 16.79
CA PRO D 58 -10.10 -29.53 17.33
C PRO D 58 -10.07 -29.62 18.87
N GLU D 59 -9.22 -28.80 19.49
CA GLU D 59 -9.23 -28.67 20.95
C GLU D 59 -10.43 -27.84 21.45
N ILE D 60 -11.00 -26.99 20.58
CA ILE D 60 -12.10 -26.09 20.95
C ILE D 60 -13.46 -26.77 20.82
N CYS D 61 -13.64 -27.58 19.77
CA CYS D 61 -14.91 -28.27 19.57
C CYS D 61 -14.68 -29.60 18.91
N GLU D 62 -15.67 -30.47 19.03
CA GLU D 62 -15.54 -31.83 18.54
C GLU D 62 -15.39 -31.97 17.04
N ASN D 63 -16.17 -31.17 16.29
CA ASN D 63 -16.27 -31.30 14.83
C ASN D 63 -16.02 -30.01 14.10
N PRO D 64 -14.78 -29.51 14.18
CA PRO D 64 -14.47 -28.24 13.56
C PRO D 64 -14.52 -28.36 12.04
N ARG D 65 -14.82 -27.24 11.39
CA ARG D 65 -14.84 -27.14 9.92
C ARG D 65 -14.20 -25.83 9.47
N PHE D 66 -13.52 -25.88 8.34
CA PHE D 66 -12.97 -24.68 7.76
C PHE D 66 -14.11 -23.80 7.23
N ILE D 67 -14.88 -24.31 6.29
CA ILE D 67 -16.00 -23.57 5.71
C ILE D 67 -17.29 -24.40 5.83
N ILE D 68 -18.34 -23.76 6.35
CA ILE D 68 -19.66 -24.38 6.48
C ILE D 68 -20.67 -23.52 5.74
N ASP D 69 -21.45 -24.15 4.88
CA ASP D 69 -22.51 -23.49 4.10
C ASP D 69 -21.97 -22.34 3.26
N GLY D 70 -20.71 -22.44 2.89
CA GLY D 70 -20.07 -21.37 2.14
C GLY D 70 -19.44 -20.32 3.01
N ALA D 71 -18.56 -19.56 2.42
CA ALA D 71 -17.89 -18.46 3.11
C ALA D 71 -18.67 -17.25 2.77
N ASN D 72 -19.40 -16.73 3.75
CA ASN D 72 -20.21 -15.56 3.51
C ASN D 72 -20.15 -14.60 4.70
N ARG D 73 -20.71 -13.42 4.50
CA ARG D 73 -20.54 -12.31 5.44
C ARG D 73 -21.07 -12.54 6.85
N THR D 74 -21.99 -13.47 7.04
CA THR D 74 -22.47 -13.82 8.37
C THR D 74 -21.39 -14.53 9.19
N ASP D 75 -20.33 -15.00 8.52
CA ASP D 75 -19.23 -15.71 9.17
C ASP D 75 -18.18 -14.78 9.75
N ILE D 76 -18.40 -13.47 9.62
CA ILE D 76 -17.44 -12.47 10.06
C ILE D 76 -18.05 -11.67 11.21
N CYS D 77 -17.68 -12.04 12.42
CA CYS D 77 -18.16 -11.36 13.60
C CYS D 77 -17.02 -10.88 14.46
N GLN D 78 -16.97 -9.58 14.66
CA GLN D 78 -15.86 -8.96 15.37
C GLN D 78 -15.84 -9.37 16.84
N GLY D 79 -14.64 -9.59 17.36
CA GLY D 79 -14.44 -9.94 18.76
C GLY D 79 -13.77 -8.78 19.50
N GLU D 80 -12.93 -9.11 20.46
CA GLU D 80 -12.33 -8.08 21.32
C GLU D 80 -11.08 -7.50 20.70
N LEU D 81 -11.20 -7.05 19.46
CA LEU D 81 -10.09 -6.44 18.75
C LEU D 81 -10.66 -5.48 17.72
N GLY D 82 -10.10 -4.27 17.64
CA GLY D 82 -10.69 -3.18 16.86
C GLY D 82 -10.24 -3.19 15.42
N ASP D 83 -10.61 -4.25 14.69
CA ASP D 83 -10.20 -4.43 13.30
C ASP D 83 -11.38 -4.42 12.32
N ALA D 84 -12.42 -3.68 12.66
CA ALA D 84 -13.57 -3.54 11.79
C ALA D 84 -13.21 -3.13 10.37
N TRP D 85 -12.25 -2.23 10.25
CA TRP D 85 -11.79 -1.77 8.93
C TRP D 85 -11.46 -2.94 8.02
N PHE D 86 -10.86 -3.96 8.61
CA PHE D 86 -10.45 -5.17 7.91
C PHE D 86 -11.62 -6.12 7.70
N LEU D 87 -12.39 -6.36 8.77
CA LEU D 87 -13.52 -7.25 8.70
C LEU D 87 -14.58 -6.77 7.72
N ALA D 88 -14.79 -5.46 7.65
CA ALA D 88 -15.77 -4.92 6.73
C ALA D 88 -15.39 -5.27 5.31
N ALA D 89 -14.08 -5.29 5.07
CA ALA D 89 -13.57 -5.59 3.73
C ALA D 89 -13.74 -7.05 3.37
N ILE D 90 -13.52 -7.94 4.34
CA ILE D 90 -13.73 -9.35 4.13
C ILE D 90 -15.17 -9.58 3.76
N ALA D 91 -16.07 -8.97 4.53
CA ALA D 91 -17.49 -9.12 4.30
C ALA D 91 -17.85 -8.70 2.89
N CYS D 92 -17.26 -7.62 2.42
CA CYS D 92 -17.51 -7.11 1.06
C CYS D 92 -17.00 -8.09 0.03
N LEU D 93 -15.84 -8.65 0.31
CA LEU D 93 -15.21 -9.66 -0.55
C LEU D 93 -16.12 -10.86 -0.77
N THR D 94 -16.83 -11.31 0.28
CA THR D 94 -17.72 -12.46 0.16
C THR D 94 -18.86 -12.21 -0.81
N LEU D 95 -19.17 -10.95 -1.10
CA LEU D 95 -20.16 -10.65 -2.14
C LEU D 95 -19.64 -10.94 -3.55
N ASN D 96 -18.34 -11.25 -3.66
CA ASN D 96 -17.75 -11.56 -4.93
C ASN D 96 -16.96 -12.85 -4.80
N GLN D 97 -17.67 -13.96 -4.89
CA GLN D 97 -17.11 -15.27 -4.57
C GLN D 97 -15.87 -15.66 -5.35
N HIS D 98 -15.81 -15.32 -6.63
CA HIS D 98 -14.67 -15.77 -7.42
C HIS D 98 -13.40 -15.00 -7.03
N LEU D 99 -13.56 -13.75 -6.60
CA LEU D 99 -12.43 -13.02 -6.00
C LEU D 99 -12.07 -13.60 -4.67
N LEU D 100 -13.09 -13.96 -3.90
CA LEU D 100 -12.90 -14.48 -2.56
C LEU D 100 -11.98 -15.70 -2.56
N PHE D 101 -12.13 -16.58 -3.54
CA PHE D 101 -11.43 -17.85 -3.48
C PHE D 101 -9.97 -17.77 -3.98
N ARG D 102 -9.54 -16.59 -4.43
CA ARG D 102 -8.12 -16.27 -4.58
C ARG D 102 -7.45 -16.02 -3.24
N VAL D 103 -8.16 -15.36 -2.35
CA VAL D 103 -7.62 -15.01 -1.03
C VAL D 103 -7.66 -16.23 -0.12
N ILE D 104 -8.73 -17.02 -0.23
CA ILE D 104 -8.93 -18.20 0.59
C ILE D 104 -8.92 -19.48 -0.24
N PRO D 105 -7.84 -20.29 -0.15
CA PRO D 105 -7.81 -21.59 -0.83
C PRO D 105 -8.81 -22.59 -0.26
N HIS D 106 -9.68 -23.07 -1.14
CA HIS D 106 -10.74 -24.05 -0.83
C HIS D 106 -10.24 -25.42 -0.34
N ASP D 107 -9.07 -25.84 -0.81
CA ASP D 107 -8.56 -27.20 -0.56
C ASP D 107 -7.96 -27.32 0.84
N GLN D 108 -8.75 -27.00 1.86
CA GLN D 108 -8.26 -26.96 3.24
C GLN D 108 -9.32 -27.47 4.20
N SER D 109 -8.89 -28.28 5.16
CA SER D 109 -9.81 -29.12 5.90
C SER D 109 -9.28 -29.59 7.24
N PHE D 110 -10.20 -29.82 8.17
CA PHE D 110 -9.89 -30.41 9.47
C PHE D 110 -10.09 -31.93 9.47
N ILE D 111 -10.79 -32.43 8.47
CA ILE D 111 -11.19 -33.83 8.41
C ILE D 111 -10.39 -34.64 7.41
N GLU D 112 -9.48 -34.00 6.67
CA GLU D 112 -8.69 -34.68 5.66
C GLU D 112 -7.34 -33.97 5.47
N ASN D 113 -6.25 -34.73 5.58
CA ASN D 113 -4.90 -34.19 5.50
C ASN D 113 -4.62 -33.06 6.49
N TYR D 114 -5.20 -33.17 7.67
CA TYR D 114 -5.05 -32.15 8.70
C TYR D 114 -3.70 -32.28 9.37
N ALA D 115 -2.93 -31.21 9.33
CA ALA D 115 -1.65 -31.16 9.94
C ALA D 115 -1.48 -29.88 10.69
N GLY D 116 -2.57 -29.20 11.00
CA GLY D 116 -2.49 -27.97 11.74
C GLY D 116 -1.84 -26.81 11.04
N ILE D 117 -1.87 -26.81 9.73
CA ILE D 117 -1.25 -25.76 8.96
C ILE D 117 -2.18 -25.30 7.88
N PHE D 118 -2.35 -24.00 7.78
CA PHE D 118 -3.24 -23.39 6.80
C PHE D 118 -2.53 -22.24 6.13
N HIS D 119 -3.09 -21.78 5.02
CA HIS D 119 -2.53 -20.64 4.31
C HIS D 119 -3.57 -19.83 3.58
N PHE D 120 -3.22 -18.57 3.34
CA PHE D 120 -4.07 -17.66 2.58
C PHE D 120 -3.20 -16.79 1.68
N GLN D 121 -3.82 -16.12 0.72
CA GLN D 121 -3.10 -15.28 -0.22
C GLN D 121 -3.54 -13.83 -0.15
N PHE D 122 -2.56 -12.93 -0.19
CA PHE D 122 -2.83 -11.49 -0.19
C PHE D 122 -2.05 -10.79 -1.28
N TRP D 123 -2.64 -9.73 -1.83
CA TRP D 123 -2.01 -8.91 -2.84
C TRP D 123 -1.14 -7.87 -2.18
N ARG D 124 0.18 -8.03 -2.33
CA ARG D 124 1.16 -7.16 -1.67
C ARG D 124 2.22 -6.71 -2.66
N TYR D 125 2.35 -5.39 -2.79
CA TYR D 125 3.39 -4.79 -3.64
C TYR D 125 3.41 -5.42 -5.00
N GLY D 126 2.22 -5.49 -5.57
CA GLY D 126 2.04 -5.84 -6.96
C GLY D 126 2.12 -7.31 -7.31
N GLU D 127 2.00 -8.18 -6.31
CA GLU D 127 1.92 -9.62 -6.55
C GLU D 127 1.20 -10.37 -5.42
N TRP D 128 0.69 -11.57 -5.75
CA TRP D 128 0.09 -12.45 -4.75
C TRP D 128 1.17 -13.07 -3.90
N VAL D 129 1.00 -13.02 -2.59
CA VAL D 129 1.94 -13.64 -1.68
C VAL D 129 1.23 -14.57 -0.73
N ASP D 130 1.89 -15.69 -0.42
CA ASP D 130 1.29 -16.72 0.39
C ASP D 130 1.71 -16.50 1.83
N VAL D 131 0.72 -16.41 2.71
CA VAL D 131 0.97 -16.38 4.14
C VAL D 131 0.57 -17.71 4.74
N VAL D 132 1.47 -18.36 5.44
CA VAL D 132 1.22 -19.65 6.04
C VAL D 132 1.15 -19.48 7.54
N ILE D 133 0.23 -20.15 8.19
CA ILE D 133 0.11 -20.03 9.63
C ILE D 133 -0.24 -21.33 10.27
N ASP D 134 -0.01 -21.45 11.55
CA ASP D 134 -0.46 -22.63 12.26
C ASP D 134 -1.89 -22.34 12.71
N ASP D 135 -2.66 -23.35 13.06
CA ASP D 135 -4.07 -23.09 13.40
C ASP D 135 -4.35 -22.82 14.88
N CYS D 136 -3.33 -22.49 15.66
CA CYS D 136 -3.54 -22.10 17.06
C CYS D 136 -4.19 -20.74 17.12
N LEU D 137 -5.24 -20.62 17.92
CA LEU D 137 -5.97 -19.37 18.01
C LEU D 137 -6.14 -18.98 19.47
N PRO D 138 -6.10 -17.66 19.76
CA PRO D 138 -6.34 -17.18 21.11
C PRO D 138 -7.74 -17.49 21.57
N THR D 139 -7.85 -18.02 22.77
CA THR D 139 -9.14 -18.33 23.38
C THR D 139 -9.17 -17.89 24.82
N TYR D 140 -10.40 -17.82 25.34
CA TYR D 140 -10.61 -17.63 26.76
C TYR D 140 -11.88 -18.39 27.13
N ASN D 141 -11.75 -19.24 28.15
CA ASN D 141 -12.77 -20.23 28.47
C ASN D 141 -13.20 -21.05 27.26
N ASN D 142 -12.21 -21.45 26.47
CA ASN D 142 -12.44 -22.31 25.32
C ASN D 142 -13.32 -21.68 24.22
N GLN D 143 -13.25 -20.35 24.09
CA GLN D 143 -13.97 -19.61 23.05
C GLN D 143 -13.01 -18.62 22.41
N LEU D 144 -13.22 -18.37 21.13
CA LEU D 144 -12.42 -17.40 20.44
C LEU D 144 -12.71 -16.01 20.98
N VAL D 145 -11.68 -15.21 21.17
CA VAL D 145 -11.84 -13.87 21.73
C VAL D 145 -11.82 -12.83 20.63
N PHE D 146 -11.07 -13.16 19.59
CA PHE D 146 -10.97 -12.40 18.35
C PHE D 146 -12.10 -12.83 17.41
N THR D 147 -12.03 -12.39 16.16
CA THR D 147 -13.12 -12.63 15.23
C THR D 147 -13.43 -14.11 15.04
N LYS D 148 -14.73 -14.40 14.99
CA LYS D 148 -15.29 -15.72 14.88
C LYS D 148 -16.48 -15.68 13.92
N SER D 149 -17.07 -16.84 13.67
CA SER D 149 -18.29 -16.95 12.87
C SER D 149 -19.51 -17.16 13.74
N ASN D 150 -20.63 -16.71 13.20
CA ASN D 150 -21.94 -17.08 13.68
C ASN D 150 -22.09 -18.54 14.07
N HIS D 151 -21.42 -19.42 13.33
CA HIS D 151 -21.48 -20.84 13.53
C HIS D 151 -20.26 -21.23 14.39
N ARG D 152 -20.53 -21.77 15.57
CA ARG D 152 -19.45 -22.07 16.54
C ARG D 152 -18.37 -23.01 16.01
N ASN D 153 -18.69 -23.82 15.00
CA ASN D 153 -17.74 -24.76 14.37
C ASN D 153 -16.99 -24.31 13.13
N GLU D 154 -17.28 -23.10 12.63
CA GLU D 154 -16.67 -22.60 11.38
C GLU D 154 -15.44 -21.79 11.75
N PHE D 155 -14.30 -22.04 11.09
CA PHE D 155 -13.05 -21.37 11.46
C PHE D 155 -12.28 -20.60 10.38
N TRP D 156 -12.77 -20.56 9.14
CA TRP D 156 -12.04 -19.84 8.10
C TRP D 156 -11.76 -18.37 8.43
N SER D 157 -12.75 -17.67 8.97
CA SER D 157 -12.60 -16.23 9.22
C SER D 157 -11.64 -15.95 10.35
N ALA D 158 -11.69 -16.75 11.41
CA ALA D 158 -10.72 -16.63 12.52
C ALA D 158 -9.28 -16.87 12.07
N LEU D 159 -9.11 -17.86 11.21
CA LEU D 159 -7.81 -18.17 10.62
C LEU D 159 -7.31 -17.11 9.63
N LEU D 160 -8.21 -16.57 8.83
CA LEU D 160 -7.85 -15.50 7.90
C LEU D 160 -7.34 -14.29 8.66
N GLU D 161 -8.06 -13.94 9.71
CA GLU D 161 -7.65 -12.86 10.58
C GLU D 161 -6.25 -13.14 11.17
N LYS D 162 -6.02 -14.36 11.63
CA LYS D 162 -4.72 -14.69 12.16
C LYS D 162 -3.65 -14.46 11.09
N ALA D 163 -3.92 -14.91 9.87
CA ALA D 163 -2.96 -14.74 8.79
C ALA D 163 -2.69 -13.28 8.51
N TYR D 164 -3.73 -12.44 8.58
CA TYR D 164 -3.56 -11.01 8.31
C TYR D 164 -2.76 -10.38 9.45
N ALA D 165 -3.03 -10.84 10.67
CA ALA D 165 -2.24 -10.40 11.81
C ALA D 165 -0.76 -10.70 11.59
N LYS D 166 -0.46 -11.94 11.21
CA LYS D 166 0.92 -12.32 10.92
C LYS D 166 1.59 -11.41 9.87
N LEU D 167 0.83 -11.04 8.86
CA LEU D 167 1.33 -10.16 7.82
C LEU D 167 1.70 -8.79 8.37
N HIS D 168 1.00 -8.36 9.42
CA HIS D 168 1.26 -7.09 10.08
C HIS D 168 2.14 -7.21 11.34
N GLY D 169 2.57 -8.43 11.66
CA GLY D 169 3.49 -8.66 12.77
C GLY D 169 2.83 -9.06 14.09
N SER D 170 1.59 -8.64 14.30
CA SER D 170 0.88 -8.99 15.54
C SER D 170 -0.63 -8.75 15.43
N TYR D 171 -1.40 -9.33 16.33
CA TYR D 171 -2.83 -9.04 16.40
C TYR D 171 -3.06 -7.57 16.73
N GLU D 172 -2.26 -7.03 17.66
CA GLU D 172 -2.37 -5.62 18.05
C GLU D 172 -2.16 -4.69 16.86
N ALA D 173 -1.33 -5.12 15.92
CA ALA D 173 -1.06 -4.30 14.72
C ALA D 173 -2.30 -4.06 13.84
N LEU D 174 -3.34 -4.86 14.06
CA LEU D 174 -4.60 -4.70 13.32
C LEU D 174 -5.56 -3.70 13.94
N LYS D 175 -5.23 -3.23 15.15
CA LYS D 175 -6.02 -2.18 15.80
C LYS D 175 -5.89 -0.93 14.97
N GLY D 176 -7.01 -0.39 14.49
CA GLY D 176 -6.99 0.80 13.65
C GLY D 176 -6.33 0.54 12.30
N GLY D 177 -6.93 1.11 11.26
CA GLY D 177 -6.46 0.93 9.88
C GLY D 177 -7.53 1.44 8.93
N ASN D 178 -7.26 1.40 7.62
CA ASN D 178 -8.24 1.83 6.63
C ASN D 178 -8.80 0.67 5.82
N THR D 179 -10.12 0.69 5.62
CA THR D 179 -10.81 -0.35 4.87
C THR D 179 -10.23 -0.55 3.48
N THR D 180 -9.85 0.54 2.83
CA THR D 180 -9.30 0.46 1.49
C THR D 180 -7.98 -0.29 1.45
N GLU D 181 -7.19 -0.19 2.52
CA GLU D 181 -5.93 -0.94 2.57
C GLU D 181 -6.22 -2.44 2.44
N ALA D 182 -7.23 -2.92 3.17
CA ALA D 182 -7.62 -4.34 3.14
C ALA D 182 -8.30 -4.76 1.82
N MET D 183 -9.16 -3.89 1.31
CA MET D 183 -9.77 -4.12 0.01
C MET D 183 -8.71 -4.34 -1.06
N GLU D 184 -7.66 -3.52 -1.05
CA GLU D 184 -6.56 -3.65 -2.03
C GLU D 184 -5.75 -4.90 -1.78
N ASP D 185 -5.55 -5.26 -0.52
CA ASP D 185 -4.84 -6.48 -0.19
C ASP D 185 -5.60 -7.75 -0.61
N PHE D 186 -6.91 -7.65 -0.78
CA PHE D 186 -7.72 -8.78 -1.22
C PHE D 186 -7.96 -8.84 -2.71
N THR D 187 -7.74 -7.74 -3.41
CA THR D 187 -8.13 -7.67 -4.81
C THR D 187 -7.07 -7.14 -5.79
N GLY D 188 -6.09 -6.39 -5.29
CA GLY D 188 -5.20 -5.61 -6.16
C GLY D 188 -5.92 -4.56 -6.98
N GLY D 189 -7.03 -4.05 -6.45
CA GLY D 189 -7.80 -3.02 -7.12
C GLY D 189 -7.34 -1.63 -6.74
N VAL D 190 -8.02 -0.63 -7.28
CA VAL D 190 -7.69 0.76 -7.03
C VAL D 190 -8.78 1.44 -6.21
N ALA D 191 -8.37 2.02 -5.08
CA ALA D 191 -9.26 2.75 -4.19
C ALA D 191 -9.71 4.09 -4.77
N GLU D 192 -10.97 4.42 -4.52
CA GLU D 192 -11.58 5.67 -4.96
C GLU D 192 -12.42 6.18 -3.78
N PHE D 193 -12.20 7.42 -3.38
CA PHE D 193 -12.87 7.97 -2.19
C PHE D 193 -13.95 8.96 -2.57
N PHE D 194 -14.99 9.00 -1.76
CA PHE D 194 -16.07 9.96 -1.94
C PHE D 194 -16.39 10.56 -0.57
N GLU D 195 -16.40 11.90 -0.53
CA GLU D 195 -16.99 12.62 0.57
C GLU D 195 -18.46 12.76 0.23
N ILE D 196 -19.33 12.20 1.07
CA ILE D 196 -20.76 12.10 0.77
C ILE D 196 -21.45 13.48 0.70
N ARG D 197 -20.82 14.50 1.29
CA ARG D 197 -21.32 15.89 1.14
C ARG D 197 -21.12 16.42 -0.30
N ASP D 198 -19.99 16.06 -0.91
CA ASP D 198 -19.68 16.43 -2.30
C ASP D 198 -20.29 15.44 -3.30
N ALA D 199 -21.10 14.49 -2.81
CA ALA D 199 -21.62 13.41 -3.63
C ALA D 199 -22.31 13.95 -4.88
N PRO D 200 -21.98 13.40 -6.05
CA PRO D 200 -22.74 13.80 -7.23
C PRO D 200 -24.23 13.47 -7.09
N SER D 201 -25.03 14.04 -7.97
CA SER D 201 -26.47 13.78 -8.02
C SER D 201 -26.75 12.28 -8.27
N ASP D 202 -25.91 11.67 -9.10
CA ASP D 202 -26.11 10.28 -9.56
C ASP D 202 -25.32 9.23 -8.74
N MET D 203 -25.02 9.52 -7.47
CA MET D 203 -24.14 8.60 -6.72
C MET D 203 -24.79 7.26 -6.37
N TYR D 204 -26.09 7.26 -6.10
CA TYR D 204 -26.84 6.02 -6.04
C TYR D 204 -26.50 5.14 -7.26
N LYS D 205 -26.54 5.73 -8.45
CA LYS D 205 -26.23 4.98 -9.70
C LYS D 205 -24.77 4.51 -9.73
N ILE D 206 -23.85 5.39 -9.33
CA ILE D 206 -22.43 5.05 -9.26
C ILE D 206 -22.19 3.83 -8.38
N MET D 207 -22.86 3.83 -7.23
CA MET D 207 -22.79 2.74 -6.27
C MET D 207 -23.46 1.49 -6.80
N LYS D 208 -24.62 1.66 -7.42
CA LYS D 208 -25.37 0.55 -8.02
C LYS D 208 -24.53 -0.16 -9.07
N LYS D 209 -23.89 0.59 -9.97
CA LYS D 209 -23.03 -0.01 -10.99
C LYS D 209 -21.79 -0.68 -10.38
N ALA D 210 -21.28 -0.10 -9.28
CA ALA D 210 -20.10 -0.62 -8.59
C ALA D 210 -20.37 -1.96 -7.94
N ILE D 211 -21.51 -2.10 -7.29
CA ILE D 211 -21.87 -3.33 -6.61
C ILE D 211 -22.14 -4.46 -7.62
N GLU D 212 -22.82 -4.12 -8.72
CA GLU D 212 -23.09 -5.06 -9.83
C GLU D 212 -21.84 -5.49 -10.63
N ARG D 213 -20.80 -4.66 -10.59
CA ARG D 213 -19.51 -4.95 -11.25
C ARG D 213 -18.60 -5.81 -10.36
N GLY D 214 -19.00 -5.98 -9.10
CA GLY D 214 -18.21 -6.78 -8.14
C GLY D 214 -17.24 -5.97 -7.32
N SER D 215 -17.30 -4.65 -7.44
CA SER D 215 -16.42 -3.77 -6.66
C SER D 215 -16.85 -3.77 -5.21
N LEU D 216 -15.85 -3.66 -4.34
CA LEU D 216 -16.06 -3.68 -2.88
C LEU D 216 -16.35 -2.26 -2.38
N MET D 217 -17.33 -2.11 -1.48
CA MET D 217 -17.73 -0.78 -0.97
C MET D 217 -17.85 -0.72 0.54
N GLY D 218 -17.15 0.22 1.14
CA GLY D 218 -17.29 0.50 2.57
C GLY D 218 -17.79 1.91 2.78
N CYS D 219 -18.23 2.20 4.01
CA CYS D 219 -18.58 3.56 4.38
C CYS D 219 -18.48 3.76 5.88
N SER D 220 -18.33 5.02 6.28
CA SER D 220 -18.22 5.34 7.69
C SER D 220 -18.75 6.73 8.00
N ILE D 221 -18.92 6.97 9.28
CA ILE D 221 -19.24 8.29 9.81
C ILE D 221 -17.94 8.78 10.44
N ASP D 222 -17.44 9.90 9.90
CA ASP D 222 -16.08 10.38 10.17
C ASP D 222 -15.92 10.88 11.62
N ASP D 223 -14.86 10.46 12.29
CA ASP D 223 -14.61 10.92 13.65
C ASP D 223 -13.14 11.13 13.96
N GLY D 224 -12.53 12.11 13.30
CA GLY D 224 -11.25 12.67 13.78
C GLY D 224 -10.01 11.98 13.27
N THR D 225 -9.93 10.68 13.55
CA THR D 225 -8.67 9.94 13.42
C THR D 225 -8.24 9.67 11.97
N ASN D 226 -9.20 9.55 11.06
CA ASN D 226 -8.99 9.17 9.67
C ASN D 226 -8.81 7.64 9.49
N MET D 227 -9.35 6.87 10.43
CA MET D 227 -9.31 5.41 10.34
C MET D 227 -10.34 4.77 11.24
N THR D 228 -10.79 3.58 10.82
CA THR D 228 -12.00 2.95 11.35
C THR D 228 -11.76 1.52 11.84
N TYR D 277 -22.58 -6.07 22.76
CA TYR D 277 -21.96 -4.84 22.26
C TYR D 277 -22.82 -3.62 22.56
N GLU D 278 -22.16 -2.49 22.74
CA GLU D 278 -22.81 -1.21 23.08
C GLU D 278 -23.06 -0.33 21.84
N THR D 279 -24.27 0.20 21.65
CA THR D 279 -24.57 1.10 20.52
C THR D 279 -24.00 2.52 20.69
N ARG D 280 -23.55 3.18 19.63
CA ARG D 280 -22.99 4.53 19.77
C ARG D 280 -24.08 5.60 19.64
N MET D 281 -24.76 5.66 18.49
CA MET D 281 -25.77 6.70 18.26
C MET D 281 -27.19 6.23 18.57
N ALA D 282 -28.09 7.19 18.76
CA ALA D 282 -29.50 6.93 19.07
C ALA D 282 -30.22 6.20 17.93
N CYS D 283 -29.93 6.54 16.69
CA CYS D 283 -30.57 5.83 15.62
C CYS D 283 -29.89 4.50 15.42
N GLY D 284 -28.86 4.19 16.19
CA GLY D 284 -28.25 2.88 16.05
C GLY D 284 -27.02 2.72 15.20
N LEU D 285 -26.53 3.82 14.67
CA LEU D 285 -25.33 3.75 13.90
C LEU D 285 -24.15 3.90 14.81
N VAL D 286 -22.98 3.55 14.33
CA VAL D 286 -21.81 3.72 15.12
C VAL D 286 -20.91 4.67 14.39
N ARG D 287 -20.26 5.55 15.14
CA ARG D 287 -19.36 6.55 14.63
C ARG D 287 -17.96 5.99 14.56
N GLY D 288 -17.23 6.41 13.53
CA GLY D 288 -15.83 6.02 13.38
C GLY D 288 -15.68 4.53 13.21
N HIS D 289 -16.64 3.94 12.52
CA HIS D 289 -16.77 2.49 12.43
C HIS D 289 -17.03 2.11 10.98
N ALA D 290 -16.27 1.13 10.51
CA ALA D 290 -16.38 0.67 9.13
C ALA D 290 -17.63 -0.18 8.95
N TYR D 291 -18.33 0.06 7.87
CA TYR D 291 -19.52 -0.65 7.52
C TYR D 291 -19.38 -1.15 6.12
N SER D 292 -19.94 -2.30 5.84
CA SER D 292 -19.88 -2.83 4.51
C SER D 292 -21.13 -2.45 3.78
N VAL D 293 -21.00 -2.00 2.53
CA VAL D 293 -22.18 -1.81 1.67
C VAL D 293 -22.44 -3.12 0.96
N THR D 294 -23.60 -3.72 1.21
CA THR D 294 -23.89 -5.04 0.71
C THR D 294 -25.08 -5.10 -0.23
N GLY D 295 -25.73 -3.98 -0.47
CA GLY D 295 -26.84 -3.98 -1.40
C GLY D 295 -27.36 -2.61 -1.69
N LEU D 296 -27.95 -2.48 -2.87
CA LEU D 296 -28.60 -1.25 -3.31
C LEU D 296 -29.81 -1.60 -4.12
N ASP D 297 -30.94 -1.00 -3.81
CA ASP D 297 -32.14 -1.35 -4.53
C ASP D 297 -33.23 -0.28 -4.46
N GLU D 298 -34.27 -0.47 -5.28
CA GLU D 298 -35.44 0.41 -5.33
C GLU D 298 -36.67 -0.42 -5.00
N VAL D 299 -37.53 0.11 -4.14
CA VAL D 299 -38.73 -0.61 -3.74
C VAL D 299 -39.97 0.28 -3.94
N PRO D 300 -41.08 -0.31 -4.43
CA PRO D 300 -42.35 0.41 -4.46
C PRO D 300 -42.93 0.49 -3.04
N PHE D 301 -43.25 1.71 -2.63
CA PHE D 301 -43.82 1.97 -1.32
C PHE D 301 -44.80 3.13 -1.42
N LYS D 302 -46.10 2.82 -1.28
CA LYS D 302 -47.17 3.83 -1.31
C LYS D 302 -47.14 4.66 -2.60
N GLY D 303 -47.07 3.98 -3.74
CA GLY D 303 -47.18 4.65 -5.03
C GLY D 303 -45.85 4.91 -5.72
N GLU D 304 -44.94 5.61 -5.03
CA GLU D 304 -43.63 5.96 -5.61
C GLU D 304 -42.56 4.90 -5.27
N LYS D 305 -41.45 4.98 -6.01
CA LYS D 305 -40.29 4.09 -5.82
C LYS D 305 -39.27 4.72 -4.85
N VAL D 306 -38.86 3.95 -3.84
CA VAL D 306 -37.94 4.43 -2.81
C VAL D 306 -36.56 3.77 -2.92
N LYS D 307 -35.51 4.59 -3.06
CA LYS D 307 -34.13 4.09 -3.13
C LYS D 307 -33.61 3.64 -1.76
N LEU D 308 -33.08 2.43 -1.71
CA LEU D 308 -32.57 1.84 -0.47
C LEU D 308 -31.09 1.47 -0.55
N VAL D 309 -30.43 1.51 0.61
CA VAL D 309 -29.06 1.04 0.77
C VAL D 309 -29.00 0.01 1.88
N ARG D 310 -28.35 -1.12 1.59
CA ARG D 310 -28.15 -2.16 2.61
C ARG D 310 -26.73 -2.13 3.09
N LEU D 311 -26.58 -2.15 4.41
CA LEU D 311 -25.28 -2.09 5.06
C LEU D 311 -25.13 -3.21 6.06
N ARG D 312 -23.90 -3.55 6.38
CA ARG D 312 -23.64 -4.54 7.42
C ARG D 312 -22.55 -4.08 8.38
N ASN D 313 -22.88 -4.05 9.64
CA ASN D 313 -21.94 -3.66 10.66
C ASN D 313 -21.21 -4.94 10.88
N PRO D 314 -19.86 -4.94 10.86
CA PRO D 314 -19.06 -6.14 11.11
C PRO D 314 -19.08 -6.69 12.55
N TRP D 315 -19.81 -6.13 13.48
CA TRP D 315 -19.93 -6.69 14.76
C TRP D 315 -20.87 -7.85 14.63
N GLY D 316 -21.78 -7.81 13.64
CA GLY D 316 -22.81 -8.83 13.50
C GLY D 316 -23.98 -8.55 14.41
N GLN D 317 -24.01 -7.37 15.02
CA GLN D 317 -25.05 -6.86 15.90
C GLN D 317 -25.11 -5.35 15.75
N VAL D 318 -26.05 -4.73 16.44
CA VAL D 318 -26.30 -3.27 16.43
C VAL D 318 -26.62 -2.68 15.08
N GLU D 319 -27.88 -2.66 14.76
CA GLU D 319 -28.27 -2.16 13.48
C GLU D 319 -28.97 -0.82 13.56
N TRP D 320 -29.38 -0.32 12.42
CA TRP D 320 -30.09 0.92 12.31
C TRP D 320 -31.46 0.76 12.86
N ASN D 321 -32.06 1.79 13.39
CA ASN D 321 -33.40 1.64 13.91
C ASN D 321 -34.39 2.63 13.39
N GLY D 322 -34.12 3.19 12.23
CA GLY D 322 -35.02 4.14 11.63
C GLY D 322 -35.96 3.48 10.68
N SER D 323 -36.40 4.17 9.65
CA SER D 323 -37.29 3.53 8.68
C SER D 323 -36.47 2.60 7.85
N TRP D 324 -37.02 1.41 7.49
CA TRP D 324 -36.50 0.28 6.70
C TRP D 324 -35.64 -0.63 7.54
N SER D 325 -35.52 -0.32 8.83
CA SER D 325 -34.83 -1.13 9.79
C SER D 325 -35.72 -2.33 10.02
N ASP D 326 -35.11 -3.41 10.53
CA ASP D 326 -35.75 -4.73 10.55
C ASP D 326 -37.16 -4.66 11.13
N ARG D 327 -37.27 -4.02 12.29
CA ARG D 327 -38.53 -4.01 13.07
C ARG D 327 -39.46 -2.84 12.73
N TRP D 328 -39.15 -2.12 11.65
CA TRP D 328 -39.99 -1.05 11.15
C TRP D 328 -41.34 -1.61 10.72
N LYS D 329 -42.42 -1.00 11.21
CA LYS D 329 -43.78 -1.54 11.03
C LYS D 329 -44.25 -1.41 9.59
N ASP D 330 -43.86 -0.33 8.94
CA ASP D 330 -44.30 -0.04 7.57
C ASP D 330 -43.68 -0.97 6.51
N TRP D 331 -42.88 -1.94 6.95
CA TRP D 331 -42.55 -3.11 6.13
C TRP D 331 -43.83 -3.87 5.74
N SER D 332 -44.85 -3.81 6.60
CA SER D 332 -46.17 -4.40 6.31
C SER D 332 -46.78 -3.90 4.99
N PHE D 333 -46.55 -2.62 4.68
CA PHE D 333 -47.05 -2.01 3.44
C PHE D 333 -46.27 -2.47 2.20
N VAL D 334 -45.19 -3.24 2.38
CA VAL D 334 -44.40 -3.75 1.26
C VAL D 334 -44.89 -5.13 0.83
N ASP D 335 -44.90 -5.33 -0.49
CA ASP D 335 -45.33 -6.56 -1.12
C ASP D 335 -44.49 -7.77 -0.66
N LYS D 336 -45.12 -8.95 -0.58
CA LYS D 336 -44.46 -10.15 -0.06
C LYS D 336 -43.34 -10.72 -0.98
N ASP D 337 -43.53 -10.63 -2.29
CA ASP D 337 -42.47 -11.05 -3.24
C ASP D 337 -41.27 -10.09 -3.19
N GLU D 338 -41.56 -8.79 -3.06
CA GLU D 338 -40.52 -7.75 -2.99
C GLU D 338 -39.65 -7.90 -1.75
N LYS D 339 -40.28 -8.22 -0.63
CA LYS D 339 -39.54 -8.55 0.60
C LYS D 339 -38.55 -9.67 0.36
N ALA D 340 -38.97 -10.68 -0.39
CA ALA D 340 -38.11 -11.82 -0.70
C ALA D 340 -36.95 -11.43 -1.61
N ARG D 341 -37.22 -10.58 -2.60
CA ARG D 341 -36.18 -10.08 -3.50
C ARG D 341 -35.12 -9.28 -2.74
N LEU D 342 -35.56 -8.55 -1.72
CA LEU D 342 -34.68 -7.76 -0.85
C LEU D 342 -34.05 -8.58 0.28
N GLN D 343 -34.41 -9.86 0.37
CA GLN D 343 -33.91 -10.75 1.40
C GLN D 343 -34.15 -10.20 2.81
N HIS D 344 -35.28 -9.53 2.97
CA HIS D 344 -35.60 -8.89 4.24
C HIS D 344 -35.88 -9.94 5.32
N GLN D 345 -35.09 -9.91 6.38
CA GLN D 345 -35.33 -10.75 7.55
C GLN D 345 -35.25 -9.90 8.81
N VAL D 346 -36.03 -10.28 9.83
CA VAL D 346 -35.89 -9.66 11.15
C VAL D 346 -34.89 -10.48 11.95
N THR D 347 -33.62 -10.10 11.84
CA THR D 347 -32.54 -10.79 12.52
C THR D 347 -31.50 -9.81 12.99
N GLU D 348 -31.03 -9.99 14.20
CA GLU D 348 -30.00 -9.13 14.68
C GLU D 348 -28.73 -9.78 14.24
N ASP D 349 -28.34 -9.47 13.03
CA ASP D 349 -27.13 -9.99 12.36
C ASP D 349 -26.16 -8.90 11.94
N GLY D 350 -26.46 -7.63 12.26
CA GLY D 350 -25.62 -6.51 11.86
C GLY D 350 -26.00 -5.93 10.51
N GLU D 351 -26.95 -6.55 9.83
CA GLU D 351 -27.29 -6.10 8.49
C GLU D 351 -28.68 -5.51 8.45
N PHE D 352 -28.79 -4.40 7.76
CA PHE D 352 -30.03 -3.68 7.68
C PHE D 352 -30.12 -2.82 6.46
N TRP D 353 -31.33 -2.49 6.08
CA TRP D 353 -31.59 -1.65 4.95
C TRP D 353 -31.93 -0.29 5.49
N MET D 354 -31.57 0.74 4.77
CA MET D 354 -31.90 2.08 5.17
C MET D 354 -32.12 2.88 3.90
N SER D 355 -32.86 3.96 3.99
CA SER D 355 -33.13 4.75 2.82
C SER D 355 -31.92 5.47 2.31
N TYR D 356 -31.79 5.56 0.99
CA TYR D 356 -30.67 6.28 0.38
C TYR D 356 -30.56 7.68 0.98
N GLU D 357 -31.71 8.32 1.16
CA GLU D 357 -31.79 9.67 1.77
C GLU D 357 -31.14 9.73 3.15
N ASP D 358 -31.53 8.85 4.04
CA ASP D 358 -30.94 8.86 5.35
C ASP D 358 -29.50 8.49 5.25
N PHE D 359 -29.17 7.58 4.36
CA PHE D 359 -27.79 7.17 4.18
C PHE D 359 -26.90 8.38 3.90
N ILE D 360 -27.24 9.16 2.89
CA ILE D 360 -26.44 10.34 2.52
C ILE D 360 -26.42 11.38 3.63
N TYR D 361 -27.48 11.39 4.43
CA TYR D 361 -27.59 12.30 5.58
C TYR D 361 -26.66 11.95 6.75
N HIS D 362 -26.42 10.66 6.98
CA HIS D 362 -25.62 10.22 8.10
C HIS D 362 -24.21 9.83 7.83
N PHE D 363 -23.97 9.21 6.70
CA PHE D 363 -22.61 8.76 6.36
C PHE D 363 -21.84 9.85 5.65
N THR D 364 -20.54 9.86 5.86
CA THR D 364 -19.69 10.95 5.40
C THR D 364 -18.65 10.49 4.39
N LYS D 365 -18.04 9.34 4.67
CA LYS D 365 -17.05 8.75 3.79
C LYS D 365 -17.61 7.49 3.09
N LEU D 366 -17.38 7.40 1.79
CA LEU D 366 -17.68 6.20 1.01
C LEU D 366 -16.43 5.79 0.26
N GLU D 367 -16.02 4.54 0.43
CA GLU D 367 -14.77 4.03 -0.13
C GLU D 367 -15.06 2.89 -1.10
N ILE D 368 -14.75 3.08 -2.37
CA ILE D 368 -14.97 2.05 -3.39
C ILE D 368 -13.63 1.52 -3.88
N CYS D 369 -13.45 0.21 -3.88
CA CYS D 369 -12.25 -0.42 -4.43
C CYS D 369 -12.61 -1.04 -5.77
N ASN D 370 -12.16 -0.38 -6.83
CA ASN D 370 -12.48 -0.80 -8.19
C ASN D 370 -11.48 -1.80 -8.72
N LEU D 371 -12.00 -2.81 -9.41
CA LEU D 371 -11.15 -3.88 -9.90
C LEU D 371 -10.47 -3.42 -11.17
N THR D 372 -9.22 -3.84 -11.34
CA THR D 372 -8.43 -3.38 -12.49
C THR D 372 -8.82 -4.25 -13.70
N ALA D 373 -8.29 -3.90 -14.88
CA ALA D 373 -8.36 -4.78 -16.05
C ALA D 373 -7.22 -5.81 -16.05
N ASP D 374 -7.53 -7.04 -15.64
CA ASP D 374 -6.57 -8.13 -15.51
C ASP D 374 -7.12 -9.38 -16.22
CA CA E . 23.14 22.78 -6.35
CA CA F . 39.71 23.77 -4.70
CL CL G . 12.41 22.22 -10.73
CA CA H . 24.44 18.12 2.85
CA CA I . 31.02 6.63 -7.19
CL CL J . 21.63 24.59 11.77
CA CA K . -25.99 -19.59 -2.66
CA CA L . -38.19 -25.38 6.90
CL CL M . -20.28 -14.52 -11.17
CA CA N . -20.57 -20.02 6.42
CA CA O . -30.95 -7.57 10.33
CL CL P . -13.15 -28.82 7.29
#